data_5NC4
#
_entry.id   5NC4
#
_cell.length_a   86.751
_cell.length_b   157.352
_cell.length_c   78.108
_cell.angle_alpha   90.00
_cell.angle_beta   90.00
_cell.angle_gamma   90.00
#
_symmetry.space_group_name_H-M   'P 21 21 2'
#
loop_
_entity.id
_entity.type
_entity.pdbx_description
1 polymer 'Ferric enterobactin receptor'
2 non-polymer 'FE (III) ION'
3 non-polymer ~{N}-[(5~{S})-5-[[2,3-bis(oxidanyl)phenyl]carbonylamino]-6-[4-[[2,3-bis(oxidanyl)phenyl]carbonylamino]butylamino]-6-oxidanylidene-hexyl]-2,3-bis(oxidanyl)benzamide
#
_entity_poly.entity_id   1
_entity_poly.type   'polypeptide(L)'
_entity_poly.pdbx_seq_one_letter_code
;GAMAGQGDGSVIELGEQTVVATAQEETKQAPGVSIITAEDIAKRPPSNDLSQIIRTMPGVNLTGNSSSGQRGNNRQIDIR
GMGPENTLILVDGKPVSSRNSVRYGWRGERDSRGDTNWVPADQVERIEVIRGPAAARYGNGAAGGVVNIITKQAGAETHG
NLSVYSNFPQHKAEGASERMSFGLNGPLTENLSYRVYGNIAKTDSDDWDINAGHESNRTGKQAGTLPAGREGVRNKDIDG
LLSWRLTPEQTLEFEAGFSRQGNIYTGDTQNTNSNNYVKQMLGHETNRMYRETYSVTHRGEWDFGSSLAYLQYEKTRNSR
INEGLAGGTEGIFDPNNAGFYTATLRDLTAHGEVNLPLHLGYEQTLTLGSEWTEQKLDDPSSNTQNTEEGGSIPGLAGKN
RSSSSSARIFSLFAEDNIELMPGTMLTPGLRWDHHDIVGDNWSPSLNLSHALTERVTLKAGIARAYKAPNLYQLNPDYLL
YSRGQGCYGQSTSCYLRGNDGLKAETSVNKELGIEYSHDGLVAGLTYFRNDYKNKIESGLSPVDHASGGKGDYANAAIYQ
WENVPKAVVEGLEGTLTLPLADGLKWSNNLTYMLQSKNKETGDVLSVTPRYTLNSMLDWQATDDLSLQATVTWYGKQKPK
KYDYHGDRVTGSANDQLSPYAIAGLGGTYRLSKNLSLGAGVDNLFDKRLFRAGNAQGVVGIDGAGAATYNEPGRTFYTSL
TASF
;
_entity_poly.pdbx_strand_id   A
#
loop_
_chem_comp.id
_chem_comp.type
_chem_comp.name
_chem_comp.formula
8T2 non-polymer ~{N}-[(5~{S})-5-[[2,3-bis(oxidanyl)phenyl]carbonylamino]-6-[4-[[2,3-bis(oxidanyl)phenyl]carbonylamino]butylamino]-6-oxidanylidene-hexyl]-2,3-bis(oxidanyl)benzamide 'C31 H36 N4 O10'
FE non-polymer 'FE (III) ION' 'Fe 3'
#
# COMPACT_ATOMS: atom_id res chain seq x y z
N LYS A 28 -6.64 21.35 -1.05
CA LYS A 28 -6.02 20.05 -1.38
C LYS A 28 -5.30 19.47 -0.16
N GLN A 29 -5.08 20.29 0.88
CA GLN A 29 -4.55 19.81 2.17
C GLN A 29 -5.30 20.46 3.33
N ALA A 30 -6.13 19.68 4.02
CA ALA A 30 -6.62 20.05 5.36
C ALA A 30 -5.85 19.18 6.35
N PRO A 31 -6.04 19.43 7.66
CA PRO A 31 -5.45 18.54 8.67
C PRO A 31 -6.01 17.13 8.66
N GLY A 32 -5.12 16.18 8.38
CA GLY A 32 -5.45 14.76 8.31
C GLY A 32 -5.66 14.24 6.91
N VAL A 33 -5.86 15.12 5.93
CA VAL A 33 -6.47 14.73 4.67
C VAL A 33 -5.82 15.43 3.51
N SER A 34 -5.69 14.72 2.40
CA SER A 34 -5.13 15.27 1.17
C SER A 34 -5.97 14.82 -0.03
N ILE A 35 -6.24 15.73 -0.94
CA ILE A 35 -6.71 15.36 -2.24
C ILE A 35 -5.62 15.54 -3.27
N ILE A 36 -5.46 14.52 -4.12
CA ILE A 36 -4.76 14.66 -5.39
C ILE A 36 -5.77 14.75 -6.53
N THR A 37 -5.70 15.78 -7.35
CA THR A 37 -6.65 15.93 -8.44
C THR A 37 -6.15 15.40 -9.78
N ALA A 38 -7.01 15.39 -10.78
CA ALA A 38 -6.61 14.96 -12.10
C ALA A 38 -5.60 15.93 -12.69
N GLU A 39 -5.81 17.23 -12.45
CA GLU A 39 -4.80 18.22 -12.81
C GLU A 39 -3.42 17.97 -12.16
N ASP A 40 -3.35 17.50 -10.92
CA ASP A 40 -2.04 17.18 -10.30
C ASP A 40 -1.40 15.97 -11.00
N ILE A 41 -2.21 14.98 -11.34
CA ILE A 41 -1.70 13.82 -12.06
C ILE A 41 -1.08 14.18 -13.38
N ALA A 42 -1.55 15.27 -13.99
CA ALA A 42 -1.03 15.67 -15.29
C ALA A 42 0.28 16.45 -15.18
N LYS A 43 0.51 17.06 -14.03
CA LYS A 43 1.64 17.96 -13.88
C LYS A 43 2.83 17.22 -13.24
N ARG A 44 2.52 16.11 -12.59
CA ARG A 44 3.55 15.16 -12.19
C ARG A 44 3.19 13.74 -12.62
N PRO A 45 3.28 13.47 -13.92
CA PRO A 45 2.83 12.17 -14.47
C PRO A 45 3.58 10.98 -13.92
N PRO A 46 2.86 10.00 -13.38
CA PRO A 46 3.52 8.78 -12.91
C PRO A 46 4.02 7.91 -14.04
N SER A 47 5.14 7.22 -13.80
CA SER A 47 5.61 6.21 -14.77
C SER A 47 4.48 5.24 -15.08
N ASN A 48 3.90 4.67 -14.03
CA ASN A 48 2.93 3.59 -14.19
C ASN A 48 2.06 3.44 -12.95
N ASP A 49 2.62 2.96 -11.86
CA ASP A 49 1.94 2.94 -10.55
C ASP A 49 1.66 4.31 -9.95
N LEU A 50 0.48 4.44 -9.31
CA LEU A 50 0.11 5.71 -8.67
C LEU A 50 0.86 5.98 -7.39
N SER A 51 1.48 4.96 -6.82
CA SER A 51 2.19 5.14 -5.57
C SER A 51 3.14 6.34 -5.73
N GLN A 52 3.66 6.48 -6.93
CA GLN A 52 4.62 7.55 -7.20
C GLN A 52 4.12 8.92 -6.83
N ILE A 53 2.85 9.21 -7.08
CA ILE A 53 2.29 10.52 -6.76
C ILE A 53 1.58 10.51 -5.39
N ILE A 54 0.99 9.37 -5.05
CA ILE A 54 0.29 9.24 -3.76
C ILE A 54 1.26 9.50 -2.59
N ARG A 55 2.51 9.08 -2.76
CA ARG A 55 3.53 9.14 -1.70
C ARG A 55 4.05 10.52 -1.35
N THR A 56 3.67 11.50 -2.15
CA THR A 56 4.13 12.86 -1.96
C THR A 56 3.18 13.64 -1.07
N MET A 57 2.13 13.00 -0.57
CA MET A 57 1.32 13.70 0.40
C MET A 57 2.01 13.70 1.73
N PRO A 58 1.76 14.73 2.54
CA PRO A 58 2.07 14.67 3.95
C PRO A 58 1.68 13.37 4.57
N GLY A 59 2.54 12.84 5.42
CA GLY A 59 2.22 11.70 6.26
C GLY A 59 2.41 10.37 5.53
N VAL A 60 2.77 10.42 4.26
CA VAL A 60 2.80 9.23 3.46
C VAL A 60 4.23 8.90 3.05
N ASN A 61 4.62 7.65 3.22
CA ASN A 61 5.90 7.18 2.74
C ASN A 61 5.69 6.00 1.81
N LEU A 62 6.76 5.56 1.16
CA LEU A 62 6.72 4.40 0.28
C LEU A 62 7.77 3.45 0.79
N THR A 63 7.32 2.41 1.46
CA THR A 63 8.22 1.58 2.22
C THR A 63 7.74 0.13 2.26
N GLY A 64 8.57 -0.74 2.86
CA GLY A 64 8.20 -2.11 3.19
C GLY A 64 7.32 -2.20 4.40
N ASN A 65 6.74 -3.36 4.60
CA ASN A 65 5.87 -3.51 5.78
C ASN A 65 6.69 -3.64 7.04
N SER A 66 7.86 -4.24 6.91
CA SER A 66 8.70 -4.60 8.04
C SER A 66 10.15 -4.23 7.76
N SER A 67 11.01 -4.59 8.68
CA SER A 67 12.38 -4.13 8.71
C SER A 67 13.35 -5.04 7.97
N SER A 68 12.92 -6.22 7.56
CA SER A 68 13.82 -7.20 6.98
C SER A 68 14.61 -6.65 5.78
N GLY A 69 13.94 -5.84 4.98
CA GLY A 69 14.47 -5.40 3.71
C GLY A 69 14.14 -6.34 2.57
N GLN A 70 13.54 -7.48 2.90
CA GLN A 70 13.08 -8.46 1.92
C GLN A 70 12.08 -7.85 0.97
N ARG A 71 12.23 -8.20 -0.31
CA ARG A 71 11.39 -7.71 -1.35
C ARG A 71 11.34 -6.20 -1.30
N GLY A 72 12.51 -5.63 -1.02
CA GLY A 72 12.67 -4.19 -0.79
C GLY A 72 12.53 -3.25 -1.96
N ASN A 73 12.55 -3.77 -3.20
CA ASN A 73 12.20 -2.94 -4.34
C ASN A 73 10.70 -3.01 -4.60
N ASN A 74 9.95 -3.67 -3.73
CA ASN A 74 8.53 -3.79 -3.93
C ASN A 74 7.78 -3.00 -2.84
N ARG A 75 8.01 -1.71 -2.79
CA ARG A 75 7.55 -0.87 -1.72
C ARG A 75 6.17 -0.33 -2.05
N GLN A 76 5.41 -0.06 -1.00
CA GLN A 76 4.00 0.24 -1.10
C GLN A 76 3.71 1.47 -0.22
N ILE A 77 2.52 2.03 -0.36
CA ILE A 77 2.15 3.24 0.35
C ILE A 77 1.90 2.99 1.84
N ASP A 78 2.56 3.83 2.65
CA ASP A 78 2.59 3.71 4.10
C ASP A 78 2.11 5.03 4.68
N ILE A 79 1.16 4.97 5.58
CA ILE A 79 0.65 6.17 6.21
C ILE A 79 1.16 6.28 7.64
N ARG A 80 1.89 7.34 7.93
CA ARG A 80 2.30 7.64 9.30
C ARG A 80 3.07 6.50 9.93
N GLY A 81 3.88 5.81 9.11
CA GLY A 81 4.82 4.82 9.62
C GLY A 81 4.18 3.55 10.14
N MET A 82 2.91 3.34 9.80
CA MET A 82 2.13 2.25 10.34
C MET A 82 2.23 1.00 9.49
N GLY A 83 3.01 1.07 8.41
CA GLY A 83 3.08 -0.01 7.45
C GLY A 83 1.94 -0.03 6.46
N PRO A 84 2.16 -0.64 5.28
CA PRO A 84 1.27 -0.65 4.13
C PRO A 84 0.15 -1.67 4.21
N GLU A 85 0.28 -2.65 5.10
CA GLU A 85 -0.86 -3.48 5.43
C GLU A 85 -1.94 -2.75 6.21
N ASN A 86 -1.62 -1.56 6.67
CA ASN A 86 -2.60 -0.77 7.41
C ASN A 86 -3.02 0.43 6.61
N THR A 87 -2.75 0.41 5.33
CA THR A 87 -3.25 1.34 4.36
C THR A 87 -4.25 0.61 3.48
N LEU A 88 -5.52 0.98 3.66
CA LEU A 88 -6.64 0.45 2.91
C LEU A 88 -6.87 1.18 1.60
N ILE A 89 -6.79 0.44 0.50
CA ILE A 89 -6.94 0.98 -0.83
C ILE A 89 -8.37 0.77 -1.37
N LEU A 90 -9.04 1.87 -1.68
CA LEU A 90 -10.37 1.80 -2.25
C LEU A 90 -10.37 2.28 -3.69
N VAL A 91 -11.27 1.70 -4.49
CA VAL A 91 -11.58 2.29 -5.79
C VAL A 91 -13.07 2.62 -5.85
N ASP A 92 -13.37 3.92 -5.88
CA ASP A 92 -14.71 4.44 -5.85
C ASP A 92 -15.44 3.88 -4.64
N GLY A 93 -14.73 3.88 -3.50
CA GLY A 93 -15.31 3.51 -2.22
C GLY A 93 -15.43 2.01 -1.93
N LYS A 94 -14.81 1.19 -2.78
CA LYS A 94 -14.89 -0.27 -2.71
C LYS A 94 -13.49 -0.90 -2.52
N PRO A 95 -13.32 -1.74 -1.49
CA PRO A 95 -12.02 -2.32 -1.20
C PRO A 95 -11.33 -3.04 -2.37
N VAL A 96 -10.02 -2.84 -2.43
CA VAL A 96 -9.13 -3.73 -3.12
C VAL A 96 -8.45 -4.67 -2.11
N SER A 97 -8.56 -5.98 -2.27
CA SER A 97 -7.99 -6.91 -1.29
C SER A 97 -7.00 -7.87 -1.91
N SER A 98 -6.66 -7.65 -3.18
CA SER A 98 -5.90 -8.58 -4.01
C SER A 98 -4.57 -9.06 -3.42
N ARG A 99 -3.83 -8.15 -2.80
CA ARG A 99 -2.52 -8.50 -2.29
C ARG A 99 -2.61 -9.53 -1.18
N ASN A 100 -3.76 -9.62 -0.50
CA ASN A 100 -3.96 -10.68 0.50
C ASN A 100 -3.93 -12.08 -0.08
N SER A 101 -3.88 -12.21 -1.41
CA SER A 101 -3.59 -13.48 -2.10
C SER A 101 -2.11 -13.91 -2.19
N VAL A 102 -1.19 -13.03 -1.83
CA VAL A 102 0.24 -13.35 -1.91
C VAL A 102 0.83 -13.75 -0.57
N ARG A 103 1.61 -14.84 -0.54
CA ARG A 103 2.08 -15.41 0.71
C ARG A 103 2.60 -14.30 1.61
N TYR A 104 2.13 -14.27 2.85
CA TYR A 104 2.71 -13.42 3.93
C TYR A 104 3.83 -14.12 4.67
N GLY A 105 5.05 -13.60 4.55
CA GLY A 105 6.25 -14.27 5.03
C GLY A 105 6.63 -13.99 6.48
N TRP A 106 7.59 -14.77 6.99
CA TRP A 106 8.03 -14.78 8.39
C TRP A 106 8.27 -13.37 8.91
N ARG A 107 8.87 -12.55 8.05
CA ARG A 107 9.35 -11.22 8.42
C ARG A 107 8.39 -10.13 7.98
N GLY A 108 7.18 -10.49 7.57
CA GLY A 108 6.11 -9.49 7.47
C GLY A 108 5.90 -8.90 6.10
N GLU A 109 6.55 -9.49 5.09
CA GLU A 109 6.43 -8.99 3.74
C GLU A 109 5.82 -10.03 2.85
N ARG A 110 5.34 -9.52 1.73
CA ARG A 110 4.74 -10.31 0.67
C ARG A 110 5.49 -9.99 -0.59
N ASP A 111 5.62 -10.95 -1.50
CA ASP A 111 6.25 -10.68 -2.79
C ASP A 111 5.20 -10.06 -3.72
N SER A 112 4.80 -8.85 -3.36
CA SER A 112 3.70 -8.20 -4.01
C SER A 112 4.13 -6.77 -4.31
N ARG A 113 3.63 -6.25 -5.43
CA ARG A 113 3.86 -4.83 -5.75
C ARG A 113 2.80 -3.91 -5.11
N GLY A 114 1.84 -4.49 -4.39
CA GLY A 114 0.79 -3.71 -3.75
C GLY A 114 -0.42 -3.60 -4.65
N ASP A 115 -1.34 -2.75 -4.25
CA ASP A 115 -2.64 -2.58 -4.90
C ASP A 115 -2.91 -1.11 -5.31
N THR A 116 -1.89 -0.37 -5.72
CA THR A 116 -2.13 0.92 -6.32
C THR A 116 -1.92 0.99 -7.85
N ASN A 117 -1.87 -0.16 -8.51
CA ASN A 117 -1.56 -0.17 -9.94
C ASN A 117 -2.71 -0.78 -10.75
N TRP A 118 -3.92 -0.81 -10.19
CA TRP A 118 -5.05 -1.47 -10.83
C TRP A 118 -5.86 -0.50 -11.69
N VAL A 119 -5.90 0.76 -11.30
CA VAL A 119 -6.51 1.81 -12.10
C VAL A 119 -5.44 2.65 -12.76
N PRO A 120 -5.58 2.91 -14.06
CA PRO A 120 -4.55 3.66 -14.76
C PRO A 120 -4.61 5.14 -14.50
N ALA A 121 -3.45 5.74 -14.32
CA ALA A 121 -3.34 7.15 -13.95
C ALA A 121 -4.31 8.09 -14.66
N ASP A 122 -4.38 8.00 -15.98
CA ASP A 122 -5.08 9.06 -16.74
C ASP A 122 -6.59 8.89 -16.75
N GLN A 123 -7.11 7.82 -16.18
CA GLN A 123 -8.57 7.73 -15.99
C GLN A 123 -9.02 8.06 -14.57
N VAL A 124 -8.09 8.53 -13.76
CA VAL A 124 -8.43 8.89 -12.39
C VAL A 124 -8.89 10.32 -12.35
N GLU A 125 -10.04 10.52 -11.72
CA GLU A 125 -10.56 11.85 -11.42
C GLU A 125 -9.84 12.45 -10.25
N ARG A 126 -9.86 11.74 -9.13
CA ARG A 126 -9.10 12.20 -7.97
C ARG A 126 -8.70 11.09 -7.01
N ILE A 127 -7.69 11.35 -6.20
CA ILE A 127 -7.34 10.43 -5.14
C ILE A 127 -7.51 11.09 -3.79
N GLU A 128 -8.15 10.39 -2.87
CA GLU A 128 -8.32 10.91 -1.51
C GLU A 128 -7.48 10.16 -0.55
N VAL A 129 -6.66 10.86 0.24
CA VAL A 129 -5.86 10.19 1.27
C VAL A 129 -6.29 10.65 2.63
N ILE A 130 -6.68 9.74 3.48
CA ILE A 130 -7.31 10.07 4.74
C ILE A 130 -6.56 9.37 5.84
N ARG A 131 -5.94 10.15 6.75
CA ARG A 131 -4.88 9.62 7.60
C ARG A 131 -5.25 9.70 9.06
N GLY A 132 -5.11 8.57 9.76
CA GLY A 132 -5.23 8.51 11.22
C GLY A 132 -6.66 8.47 11.66
N PRO A 133 -6.98 9.21 12.74
CA PRO A 133 -8.30 9.19 13.37
C PRO A 133 -9.48 9.41 12.43
N ALA A 134 -9.31 10.22 11.39
CA ALA A 134 -10.38 10.36 10.39
C ALA A 134 -10.55 9.14 9.47
N ALA A 135 -9.62 8.19 9.51
CA ALA A 135 -9.74 6.96 8.71
C ALA A 135 -10.29 5.72 9.46
N ALA A 136 -10.31 5.77 10.79
CA ALA A 136 -10.60 4.57 11.58
C ALA A 136 -12.01 4.06 11.30
N ARG A 137 -12.93 5.00 11.13
CA ARG A 137 -14.32 4.70 10.82
C ARG A 137 -14.48 3.80 9.61
N TYR A 138 -13.48 3.76 8.74
CA TYR A 138 -13.56 2.85 7.58
C TYR A 138 -13.29 1.39 7.93
N GLY A 139 -12.66 1.15 9.07
CA GLY A 139 -12.71 -0.16 9.68
C GLY A 139 -11.42 -0.92 9.47
N ASN A 140 -11.55 -2.06 8.83
CA ASN A 140 -10.53 -3.07 8.94
C ASN A 140 -9.42 -2.75 7.98
N GLY A 141 -8.25 -2.49 8.56
CA GLY A 141 -7.04 -2.21 7.85
C GLY A 141 -6.79 -0.76 7.52
N ALA A 142 -7.47 0.13 8.23
CA ALA A 142 -7.30 1.58 8.07
C ALA A 142 -6.55 2.22 9.22
N ALA A 143 -5.78 1.43 9.97
CA ALA A 143 -5.03 1.99 11.10
C ALA A 143 -4.00 3.06 10.66
N GLY A 144 -3.40 2.85 9.50
CA GLY A 144 -2.61 3.90 8.89
C GLY A 144 -3.53 4.93 8.31
N GLY A 145 -4.37 4.49 7.39
CA GLY A 145 -5.32 5.34 6.71
C GLY A 145 -5.94 4.72 5.47
N VAL A 146 -6.69 5.53 4.73
CA VAL A 146 -7.39 5.09 3.54
C VAL A 146 -6.86 5.91 2.39
N VAL A 147 -6.66 5.24 1.27
CA VAL A 147 -6.37 5.89 -0.01
C VAL A 147 -7.48 5.44 -0.93
N ASN A 148 -8.26 6.39 -1.44
CA ASN A 148 -9.42 6.09 -2.29
C ASN A 148 -9.26 6.67 -3.66
N ILE A 149 -9.08 5.80 -4.64
CA ILE A 149 -8.84 6.17 -6.03
C ILE A 149 -10.17 6.33 -6.75
N ILE A 150 -10.47 7.55 -7.20
CA ILE A 150 -11.76 7.82 -7.80
C ILE A 150 -11.65 8.03 -9.30
N THR A 151 -12.55 7.40 -10.05
CA THR A 151 -12.42 7.36 -11.49
C THR A 151 -13.27 8.43 -12.08
N LYS A 152 -12.92 8.85 -13.29
CA LYS A 152 -13.71 9.85 -14.02
C LYS A 152 -14.97 9.18 -14.56
N GLN A 153 -16.07 9.92 -14.46
CA GLN A 153 -17.40 9.47 -14.83
C GLN A 153 -17.96 10.22 -16.06
N ALA A 154 -19.01 9.64 -16.64
CA ALA A 154 -19.71 10.27 -17.74
C ALA A 154 -20.43 11.57 -17.40
N GLY A 155 -20.61 12.40 -18.42
CA GLY A 155 -21.24 13.69 -18.24
C GLY A 155 -22.53 13.72 -19.03
N ALA A 156 -23.10 14.92 -19.19
CA ALA A 156 -24.36 15.07 -19.92
C ALA A 156 -24.20 14.82 -21.41
N GLU A 157 -22.98 14.99 -21.93
CA GLU A 157 -22.66 14.65 -23.32
C GLU A 157 -21.61 13.55 -23.40
N THR A 158 -21.47 12.88 -24.55
CA THR A 158 -20.37 11.93 -24.70
C THR A 158 -19.03 12.67 -24.73
N HIS A 159 -18.16 12.32 -23.79
CA HIS A 159 -16.73 12.67 -23.84
C HIS A 159 -15.88 11.38 -24.01
N GLY A 160 -14.64 11.54 -24.52
CA GLY A 160 -13.59 10.54 -24.31
C GLY A 160 -12.17 11.12 -24.32
N ASN A 161 -11.20 10.27 -24.04
CA ASN A 161 -9.79 10.68 -24.12
C ASN A 161 -8.89 9.56 -24.59
N LEU A 162 -7.71 9.94 -25.08
CA LEU A 162 -6.60 9.04 -25.42
C LEU A 162 -5.28 9.58 -24.81
N SER A 163 -4.68 8.80 -23.89
CA SER A 163 -3.49 9.25 -23.20
C SER A 163 -2.32 8.30 -23.40
N VAL A 164 -1.16 8.85 -23.74
CA VAL A 164 0.03 8.10 -24.06
C VAL A 164 1.16 8.67 -23.21
N TYR A 165 2.00 7.83 -22.63
CA TYR A 165 3.12 8.35 -21.86
C TYR A 165 4.29 7.40 -22.08
N SER A 166 5.49 7.95 -22.10
CA SER A 166 6.66 7.21 -22.54
C SER A 166 7.87 7.85 -21.88
N ASN A 167 8.67 7.08 -21.19
CA ASN A 167 9.86 7.67 -20.60
C ASN A 167 11.12 6.96 -21.02
N PHE A 168 12.25 7.56 -20.65
CA PHE A 168 13.54 7.30 -21.30
C PHE A 168 14.67 7.52 -20.29
N PRO A 169 15.08 6.44 -19.59
CA PRO A 169 16.10 6.66 -18.58
C PRO A 169 17.46 6.86 -19.20
N GLN A 170 18.34 7.64 -18.55
CA GLN A 170 19.65 7.91 -19.09
C GLN A 170 20.39 6.59 -19.13
N HIS A 171 20.45 5.95 -17.97
CA HIS A 171 21.10 4.67 -17.82
C HIS A 171 20.20 3.51 -18.29
N LYS A 172 20.75 2.63 -19.12
CA LYS A 172 19.91 1.65 -19.86
C LYS A 172 19.48 0.48 -19.01
N ALA A 173 20.30 0.21 -18.00
CA ALA A 173 20.02 -0.82 -16.99
C ALA A 173 18.60 -0.65 -16.45
N GLU A 174 18.26 0.60 -16.18
CA GLU A 174 16.96 0.96 -15.58
C GLU A 174 15.84 0.83 -16.60
N GLY A 175 14.71 0.35 -16.13
CA GLY A 175 13.59 0.00 -16.98
C GLY A 175 12.73 1.20 -17.31
N ALA A 176 12.49 1.37 -18.60
CA ALA A 176 11.60 2.40 -19.11
C ALA A 176 10.16 1.92 -19.09
N SER A 177 9.24 2.89 -19.16
CA SER A 177 7.81 2.69 -18.97
C SER A 177 7.02 3.30 -20.15
N GLU A 178 5.97 2.60 -20.56
CA GLU A 178 5.13 2.99 -21.72
C GLU A 178 3.68 2.67 -21.39
N ARG A 179 2.77 3.54 -21.79
CA ARG A 179 1.45 3.58 -21.14
C ARG A 179 0.47 4.17 -22.16
N MET A 180 -0.60 3.46 -22.46
CA MET A 180 -1.62 3.95 -23.40
C MET A 180 -2.99 3.63 -22.82
N SER A 181 -3.85 4.62 -22.69
CA SER A 181 -5.13 4.38 -22.07
C SER A 181 -6.16 5.24 -22.76
N PHE A 182 -7.35 4.70 -22.95
CA PHE A 182 -8.49 5.50 -23.41
C PHE A 182 -9.58 5.57 -22.36
N GLY A 183 -10.52 6.49 -22.57
CA GLY A 183 -11.73 6.54 -21.75
C GLY A 183 -12.84 7.08 -22.61
N LEU A 184 -14.06 6.70 -22.31
CA LEU A 184 -15.15 6.97 -23.22
C LEU A 184 -16.45 6.82 -22.45
N ASN A 185 -17.26 7.87 -22.48
CA ASN A 185 -18.31 8.00 -21.47
C ASN A 185 -19.42 8.88 -22.05
N GLY A 186 -20.63 8.75 -21.51
CA GLY A 186 -21.77 9.55 -21.97
C GLY A 186 -23.16 8.96 -21.73
N PRO A 187 -24.20 9.61 -22.28
CA PRO A 187 -25.52 9.00 -22.19
C PRO A 187 -25.74 7.99 -23.30
N LEU A 188 -26.64 7.04 -23.07
CA LEU A 188 -27.29 6.26 -24.13
C LEU A 188 -28.83 6.47 -24.16
N THR A 189 -29.44 6.69 -22.99
CA THR A 189 -30.80 7.22 -22.86
C THR A 189 -30.84 8.24 -21.71
N GLU A 190 -32.00 8.86 -21.49
CA GLU A 190 -32.13 9.87 -20.43
C GLU A 190 -31.99 9.25 -19.03
N ASN A 191 -32.52 8.03 -18.86
CA ASN A 191 -32.30 7.23 -17.65
C ASN A 191 -31.03 6.34 -17.69
N LEU A 192 -30.30 6.32 -18.82
CA LEU A 192 -29.17 5.38 -19.01
C LEU A 192 -27.86 6.02 -19.49
N SER A 193 -26.82 5.80 -18.69
CA SER A 193 -25.47 6.27 -19.01
C SER A 193 -24.38 5.24 -18.77
N TYR A 194 -23.21 5.46 -19.37
CA TYR A 194 -22.09 4.54 -19.27
C TYR A 194 -20.72 5.26 -19.17
N ARG A 195 -19.74 4.61 -18.56
CA ARG A 195 -18.33 4.94 -18.79
C ARG A 195 -17.48 3.67 -18.96
N VAL A 196 -16.60 3.66 -19.96
CA VAL A 196 -15.59 2.63 -20.06
C VAL A 196 -14.21 3.22 -20.22
N TYR A 197 -13.20 2.48 -19.73
CA TYR A 197 -11.81 2.74 -20.09
C TYR A 197 -11.05 1.44 -20.28
N GLY A 198 -9.90 1.55 -20.90
CA GLY A 198 -8.98 0.46 -21.03
C GLY A 198 -7.58 0.99 -21.10
N ASN A 199 -6.66 0.23 -20.51
CA ASN A 199 -5.28 0.63 -20.44
C ASN A 199 -4.39 -0.54 -20.86
N ILE A 200 -3.35 -0.20 -21.59
CA ILE A 200 -2.21 -1.10 -21.76
C ILE A 200 -0.91 -0.40 -21.37
N ALA A 201 -0.15 -1.02 -20.47
CA ALA A 201 1.12 -0.45 -20.03
C ALA A 201 2.21 -1.49 -19.78
N LYS A 202 3.45 -1.03 -19.79
CA LYS A 202 4.62 -1.89 -19.59
C LYS A 202 5.69 -1.05 -18.88
N THR A 203 6.23 -1.61 -17.79
CA THR A 203 7.41 -1.09 -17.19
C THR A 203 8.43 -2.23 -17.31
N ASP A 204 9.47 -2.01 -18.10
CA ASP A 204 10.54 -2.98 -18.21
C ASP A 204 11.22 -3.14 -16.84
N SER A 205 11.78 -4.32 -16.62
CA SER A 205 12.47 -4.59 -15.39
C SER A 205 13.81 -3.91 -15.46
N ASP A 206 14.46 -3.78 -14.32
CA ASP A 206 15.84 -3.39 -14.35
C ASP A 206 16.63 -4.61 -14.87
N ASP A 207 17.74 -4.35 -15.56
CA ASP A 207 18.65 -5.42 -15.91
C ASP A 207 19.00 -6.25 -14.67
N TRP A 208 19.22 -7.54 -14.90
CA TRP A 208 19.61 -8.48 -13.86
C TRP A 208 20.85 -8.03 -13.10
N ASP A 209 21.69 -7.22 -13.75
CA ASP A 209 23.01 -6.89 -13.23
C ASP A 209 23.15 -5.45 -12.77
N ILE A 210 22.04 -4.72 -12.70
CA ILE A 210 22.06 -3.29 -12.40
C ILE A 210 22.70 -2.97 -11.05
N ASN A 211 22.61 -3.91 -10.11
CA ASN A 211 23.22 -3.72 -8.80
C ASN A 211 24.66 -4.27 -8.62
N ALA A 212 25.24 -4.74 -9.72
CA ALA A 212 26.58 -5.33 -9.68
C ALA A 212 27.65 -4.27 -9.35
N GLY A 213 28.54 -4.59 -8.41
CA GLY A 213 29.47 -3.61 -7.85
C GLY A 213 28.90 -2.75 -6.74
N HIS A 214 27.60 -2.84 -6.49
CA HIS A 214 26.99 -2.22 -5.30
C HIS A 214 26.52 -3.25 -4.29
N GLU A 215 26.44 -4.51 -4.70
CA GLU A 215 26.01 -5.58 -3.79
C GLU A 215 26.85 -5.69 -2.53
N SER A 216 26.19 -6.05 -1.43
CA SER A 216 26.88 -6.40 -0.19
C SER A 216 27.82 -7.57 -0.43
N ASN A 217 28.76 -7.75 0.49
CA ASN A 217 29.81 -8.72 0.34
C ASN A 217 29.24 -10.13 0.33
N ARG A 218 29.70 -10.94 -0.60
CA ARG A 218 29.11 -12.27 -0.78
C ARG A 218 30.16 -13.31 -1.04
N THR A 219 30.27 -14.28 -0.11
CA THR A 219 31.28 -15.34 -0.14
C THR A 219 30.67 -16.74 -0.13
N GLY A 220 31.57 -17.70 -0.28
CA GLY A 220 31.22 -19.12 -0.16
C GLY A 220 30.33 -19.59 -1.31
N LYS A 221 29.28 -20.31 -0.97
CA LYS A 221 28.27 -20.68 -1.96
C LYS A 221 27.36 -19.52 -2.32
N GLN A 222 27.33 -18.47 -1.50
CA GLN A 222 26.54 -17.30 -1.86
C GLN A 222 27.33 -16.27 -2.67
N ALA A 223 28.57 -16.59 -2.99
CA ALA A 223 29.38 -15.81 -3.92
C ALA A 223 28.71 -15.62 -5.29
N GLY A 224 28.59 -14.35 -5.70
CA GLY A 224 28.19 -14.01 -7.06
C GLY A 224 26.72 -13.67 -7.15
N THR A 225 25.96 -13.95 -6.11
CA THR A 225 24.52 -13.72 -6.09
C THR A 225 24.26 -12.23 -6.13
N LEU A 226 23.06 -11.82 -6.55
CA LEU A 226 22.76 -10.40 -6.69
C LEU A 226 21.47 -9.98 -6.03
N PRO A 227 21.52 -8.83 -5.36
CA PRO A 227 20.29 -8.11 -5.04
C PRO A 227 19.69 -7.55 -6.31
N ALA A 228 18.44 -7.93 -6.55
CA ALA A 228 17.79 -7.63 -7.80
C ALA A 228 17.39 -6.19 -7.86
N GLY A 229 17.23 -5.69 -9.08
CA GLY A 229 16.60 -4.39 -9.23
C GLY A 229 15.08 -4.47 -9.25
N ARG A 230 14.47 -3.47 -9.85
CA ARG A 230 13.03 -3.39 -9.91
C ARG A 230 12.44 -4.40 -10.87
N GLU A 231 11.40 -5.05 -10.40
CA GLU A 231 10.65 -6.01 -11.18
C GLU A 231 9.92 -5.18 -12.23
N GLY A 232 9.76 -5.69 -13.44
CA GLY A 232 8.93 -5.01 -14.43
C GLY A 232 7.52 -5.50 -14.31
N VAL A 233 6.59 -4.83 -14.99
CA VAL A 233 5.21 -5.27 -15.01
C VAL A 233 4.55 -4.96 -16.33
N ARG A 234 3.74 -5.89 -16.83
CA ARG A 234 2.80 -5.60 -17.92
C ARG A 234 1.37 -5.52 -17.38
N ASN A 235 0.65 -4.46 -17.77
CA ASN A 235 -0.74 -4.21 -17.37
C ASN A 235 -1.75 -4.37 -18.51
N LYS A 236 -2.91 -4.95 -18.21
CA LYS A 236 -4.09 -4.83 -19.06
C LYS A 236 -5.33 -4.56 -18.21
N ASP A 237 -5.93 -3.41 -18.39
CA ASP A 237 -7.05 -3.04 -17.54
C ASP A 237 -8.20 -2.69 -18.45
N ILE A 238 -9.40 -3.12 -18.08
CA ILE A 238 -10.58 -2.88 -18.88
C ILE A 238 -11.72 -2.76 -17.87
N ASP A 239 -12.36 -1.61 -17.82
CA ASP A 239 -13.54 -1.49 -17.00
C ASP A 239 -14.71 -1.01 -17.84
N GLY A 240 -15.89 -1.52 -17.51
CA GLY A 240 -17.15 -1.00 -18.03
C GLY A 240 -18.12 -0.75 -16.90
N LEU A 241 -18.80 0.40 -16.97
CA LEU A 241 -19.81 0.84 -16.00
C LEU A 241 -21.07 1.27 -16.74
N LEU A 242 -22.24 0.83 -16.25
CA LEU A 242 -23.54 1.33 -16.67
C LEU A 242 -24.30 1.91 -15.49
N SER A 243 -24.69 3.19 -15.59
CA SER A 243 -25.47 3.87 -14.54
C SER A 243 -26.88 4.02 -15.08
N TRP A 244 -27.87 3.65 -14.27
CA TRP A 244 -29.28 3.55 -14.70
C TRP A 244 -30.13 4.22 -13.64
N ARG A 245 -30.86 5.24 -14.07
CA ARG A 245 -31.67 6.06 -13.17
C ARG A 245 -33.09 5.54 -13.18
N LEU A 246 -33.37 4.65 -12.24
CA LEU A 246 -34.66 4.00 -12.14
C LEU A 246 -35.78 5.03 -11.92
N THR A 247 -35.50 6.02 -11.08
CA THR A 247 -36.40 7.15 -10.91
C THR A 247 -35.54 8.40 -10.96
N PRO A 248 -36.17 9.59 -10.93
CA PRO A 248 -35.35 10.77 -10.63
C PRO A 248 -34.52 10.62 -9.35
N GLU A 249 -35.06 9.96 -8.33
CA GLU A 249 -34.36 9.78 -7.05
C GLU A 249 -33.62 8.44 -6.90
N GLN A 250 -33.76 7.52 -7.84
CA GLN A 250 -33.05 6.27 -7.69
C GLN A 250 -32.09 6.03 -8.83
N THR A 251 -30.83 5.81 -8.46
CA THR A 251 -29.82 5.38 -9.42
C THR A 251 -29.33 3.95 -9.11
N LEU A 252 -29.10 3.20 -10.20
CA LEU A 252 -28.59 1.82 -10.14
C LEU A 252 -27.38 1.65 -11.05
N GLU A 253 -26.25 1.27 -10.46
CA GLU A 253 -25.00 1.14 -11.22
C GLU A 253 -24.59 -0.33 -11.32
N PHE A 254 -24.11 -0.73 -12.50
CA PHE A 254 -23.38 -1.99 -12.67
C PHE A 254 -21.97 -1.73 -13.22
N GLU A 255 -20.93 -2.27 -12.59
CA GLU A 255 -19.67 -2.35 -13.29
C GLU A 255 -18.94 -3.68 -13.14
N ALA A 256 -18.12 -3.94 -14.15
CA ALA A 256 -17.20 -5.06 -14.13
C ALA A 256 -15.81 -4.52 -14.44
N GLY A 257 -14.81 -5.10 -13.78
CA GLY A 257 -13.41 -4.79 -14.08
C GLY A 257 -12.64 -6.07 -14.38
N PHE A 258 -11.80 -5.99 -15.40
CA PHE A 258 -10.82 -7.04 -15.70
C PHE A 258 -9.42 -6.40 -15.73
N SER A 259 -8.53 -6.81 -14.84
CA SER A 259 -7.11 -6.49 -14.98
C SER A 259 -6.23 -7.74 -14.99
N ARG A 260 -5.02 -7.55 -15.50
CA ARG A 260 -3.94 -8.54 -15.53
C ARG A 260 -2.59 -7.82 -15.32
N GLN A 261 -1.82 -8.25 -14.34
CA GLN A 261 -0.44 -7.87 -14.30
C GLN A 261 0.34 -9.13 -14.41
N GLY A 262 1.34 -9.12 -15.27
CA GLY A 262 2.35 -10.15 -15.33
C GLY A 262 3.67 -9.46 -15.15
N ASN A 263 4.58 -10.07 -14.45
CA ASN A 263 5.81 -9.36 -14.21
C ASN A 263 6.79 -9.64 -15.35
N ILE A 264 7.96 -9.00 -15.22
CA ILE A 264 9.21 -9.41 -15.86
C ILE A 264 10.24 -9.61 -14.76
N TYR A 265 10.70 -10.85 -14.59
CA TYR A 265 11.51 -11.19 -13.44
C TYR A 265 12.91 -10.58 -13.60
N THR A 266 13.52 -10.11 -12.53
CA THR A 266 14.94 -9.69 -12.64
C THR A 266 15.87 -10.11 -11.48
N GLY A 267 15.59 -11.27 -10.92
CA GLY A 267 16.51 -11.95 -10.01
C GLY A 267 16.09 -11.88 -8.54
N ASP A 268 15.00 -11.16 -8.25
CA ASP A 268 14.58 -10.99 -6.86
C ASP A 268 14.25 -12.33 -6.18
N THR A 269 14.84 -12.54 -4.99
CA THR A 269 14.54 -13.65 -4.11
C THR A 269 14.46 -13.16 -2.67
N GLN A 270 13.66 -13.80 -1.83
CA GLN A 270 13.48 -13.27 -0.49
C GLN A 270 14.82 -12.96 0.19
N ASN A 271 15.77 -13.87 0.13
CA ASN A 271 17.02 -13.66 0.84
C ASN A 271 18.19 -13.22 -0.02
N THR A 272 17.95 -12.98 -1.30
CA THR A 272 18.99 -12.57 -2.27
C THR A 272 19.96 -13.66 -2.68
N ASN A 273 19.65 -14.89 -2.29
CA ASN A 273 20.39 -16.05 -2.75
C ASN A 273 19.86 -16.42 -4.11
N SER A 274 20.56 -17.28 -4.85
CA SER A 274 20.15 -17.57 -6.20
C SER A 274 20.32 -19.04 -6.41
N ASN A 275 19.70 -19.57 -7.45
CA ASN A 275 19.99 -20.91 -7.93
C ASN A 275 19.86 -20.88 -9.47
N ASN A 276 19.68 -22.02 -10.11
CA ASN A 276 19.55 -22.03 -11.56
C ASN A 276 18.17 -21.74 -12.10
N TYR A 277 17.13 -22.05 -11.33
CA TYR A 277 15.77 -21.74 -11.77
C TYR A 277 15.60 -20.21 -11.90
N VAL A 278 16.22 -19.47 -10.97
CA VAL A 278 16.19 -18.02 -10.94
C VAL A 278 16.72 -17.53 -12.27
N LYS A 279 17.89 -18.04 -12.64
CA LYS A 279 18.58 -17.52 -13.82
C LYS A 279 17.84 -17.89 -15.08
N GLN A 280 17.34 -19.13 -15.15
CA GLN A 280 16.46 -19.52 -16.25
C GLN A 280 15.34 -18.50 -16.53
N MET A 281 14.86 -17.82 -15.49
CA MET A 281 13.60 -17.07 -15.65
C MET A 281 13.88 -15.60 -15.92
N LEU A 282 15.14 -15.23 -15.85
CA LEU A 282 15.49 -13.80 -15.92
C LEU A 282 14.95 -13.19 -17.20
N GLY A 283 14.01 -12.26 -17.10
CA GLY A 283 13.33 -11.77 -18.29
C GLY A 283 11.99 -12.43 -18.51
N HIS A 284 11.73 -13.54 -17.84
CA HIS A 284 10.49 -14.25 -17.98
C HIS A 284 9.41 -13.75 -17.03
N GLU A 285 8.17 -14.08 -17.38
CA GLU A 285 7.06 -13.76 -16.50
C GLU A 285 6.88 -14.93 -15.53
N THR A 286 7.11 -14.68 -14.23
CA THR A 286 7.14 -15.72 -13.20
C THR A 286 5.92 -15.62 -12.27
N ASN A 287 5.28 -14.46 -12.27
CA ASN A 287 4.00 -14.28 -11.62
C ASN A 287 3.01 -13.50 -12.47
N ARG A 288 1.74 -13.92 -12.47
CA ARG A 288 0.66 -13.16 -13.04
C ARG A 288 -0.51 -13.04 -12.06
N MET A 289 -1.01 -11.82 -11.90
CA MET A 289 -2.24 -11.60 -11.13
C MET A 289 -3.33 -11.25 -12.13
N TYR A 290 -4.40 -12.04 -12.14
CA TYR A 290 -5.64 -11.62 -12.80
C TYR A 290 -6.58 -11.12 -11.70
N ARG A 291 -7.14 -9.94 -11.91
CA ARG A 291 -8.06 -9.33 -10.95
C ARG A 291 -9.34 -9.06 -11.67
N GLU A 292 -10.43 -9.68 -11.20
CA GLU A 292 -11.77 -9.43 -11.72
C GLU A 292 -12.74 -8.90 -10.65
N THR A 293 -13.34 -7.74 -10.95
CA THR A 293 -14.31 -7.11 -10.06
C THR A 293 -15.66 -6.97 -10.73
N TYR A 294 -16.73 -7.39 -10.06
CA TYR A 294 -18.09 -7.04 -10.52
C TYR A 294 -18.78 -6.34 -9.37
N SER A 295 -19.54 -5.29 -9.66
CA SER A 295 -20.16 -4.53 -8.59
C SER A 295 -21.53 -4.02 -8.97
N VAL A 296 -22.47 -4.18 -8.02
CA VAL A 296 -23.76 -3.54 -8.16
C VAL A 296 -23.96 -2.51 -7.06
N THR A 297 -24.35 -1.31 -7.46
CA THR A 297 -24.45 -0.20 -6.56
C THR A 297 -25.77 0.52 -6.85
N HIS A 298 -26.55 0.70 -5.79
CA HIS A 298 -27.79 1.47 -5.86
C HIS A 298 -27.65 2.72 -5.01
N ARG A 299 -27.98 3.86 -5.61
CA ARG A 299 -27.77 5.16 -4.95
C ARG A 299 -29.07 5.94 -5.04
N GLY A 300 -29.61 6.36 -3.89
CA GLY A 300 -30.96 6.95 -3.83
C GLY A 300 -30.95 8.19 -2.98
N GLU A 301 -31.47 9.29 -3.52
CA GLU A 301 -31.49 10.57 -2.82
C GLU A 301 -32.92 11.14 -2.76
N TRP A 302 -33.48 11.26 -1.54
CA TRP A 302 -34.92 11.48 -1.32
C TRP A 302 -35.21 12.26 -0.01
N ASP A 303 -36.51 12.47 0.31
CA ASP A 303 -36.93 13.43 1.35
C ASP A 303 -36.05 13.51 2.60
N PHE A 304 -35.97 12.40 3.32
CA PHE A 304 -35.29 12.34 4.63
C PHE A 304 -33.80 12.41 4.41
N GLY A 305 -33.31 11.94 3.25
CA GLY A 305 -31.89 12.07 2.91
C GLY A 305 -31.34 11.18 1.81
N SER A 306 -30.17 10.57 2.05
CA SER A 306 -29.47 9.75 1.04
C SER A 306 -29.38 8.28 1.44
N SER A 307 -29.47 7.40 0.43
CA SER A 307 -29.03 6.00 0.57
C SER A 307 -27.93 5.63 -0.42
N LEU A 308 -27.04 4.77 0.06
CA LEU A 308 -26.06 4.04 -0.75
C LEU A 308 -25.98 2.57 -0.27
N ALA A 309 -25.90 1.65 -1.21
CA ALA A 309 -25.56 0.24 -0.91
C ALA A 309 -24.89 -0.48 -2.09
N TYR A 310 -23.94 -1.37 -1.81
CA TYR A 310 -23.29 -2.06 -2.90
C TYR A 310 -22.93 -3.51 -2.59
N LEU A 311 -22.82 -4.26 -3.67
CA LEU A 311 -22.20 -5.57 -3.71
C LEU A 311 -20.95 -5.52 -4.60
N GLN A 312 -19.81 -5.89 -4.04
CA GLN A 312 -18.60 -6.15 -4.87
C GLN A 312 -18.19 -7.61 -4.69
N TYR A 313 -17.91 -8.28 -5.81
CA TYR A 313 -17.17 -9.54 -5.83
C TYR A 313 -15.84 -9.26 -6.51
N GLU A 314 -14.77 -9.40 -5.73
CA GLU A 314 -13.41 -9.34 -6.26
C GLU A 314 -12.81 -10.74 -6.27
N LYS A 315 -12.38 -11.21 -7.43
CA LYS A 315 -11.74 -12.51 -7.52
C LYS A 315 -10.32 -12.35 -8.05
N THR A 316 -9.34 -12.64 -7.20
CA THR A 316 -7.98 -12.51 -7.60
C THR A 316 -7.35 -13.88 -7.77
N ARG A 317 -6.77 -14.14 -8.95
CA ARG A 317 -5.95 -15.33 -9.20
C ARG A 317 -4.46 -14.95 -9.26
N ASN A 318 -3.67 -15.50 -8.35
CA ASN A 318 -2.27 -15.20 -8.21
C ASN A 318 -1.49 -16.42 -8.69
N SER A 319 -1.04 -16.44 -9.94
CA SER A 319 -0.31 -17.59 -10.46
C SER A 319 1.18 -17.31 -10.46
N ARG A 320 1.94 -18.13 -9.76
CA ARG A 320 3.36 -17.93 -9.76
C ARG A 320 4.10 -19.20 -9.47
N ILE A 321 5.39 -19.13 -9.73
CA ILE A 321 6.26 -20.25 -9.61
C ILE A 321 6.35 -20.68 -8.16
N ASN A 322 6.28 -21.98 -7.91
CA ASN A 322 6.35 -22.53 -6.55
C ASN A 322 7.66 -22.12 -5.85
N GLU A 323 7.61 -21.75 -4.57
CA GLU A 323 8.83 -21.32 -3.92
C GLU A 323 8.98 -22.16 -2.71
N GLY A 324 10.16 -22.16 -2.10
CA GLY A 324 10.37 -22.85 -0.82
C GLY A 324 9.90 -22.08 0.42
N LEU A 325 9.92 -22.75 1.56
CA LEU A 325 9.23 -22.23 2.72
C LEU A 325 10.09 -22.43 3.94
N ALA A 326 11.36 -22.71 3.71
CA ALA A 326 12.28 -23.09 4.80
C ALA A 326 13.59 -22.31 4.78
N GLY A 327 13.81 -21.51 5.82
CA GLY A 327 15.11 -20.89 6.04
C GLY A 327 15.52 -19.97 4.93
N GLY A 328 16.74 -20.16 4.45
CA GLY A 328 17.16 -19.51 3.22
C GLY A 328 16.31 -19.82 1.98
N THR A 329 15.69 -20.99 1.92
CA THR A 329 14.88 -21.34 0.74
C THR A 329 13.51 -20.66 0.73
N GLU A 330 13.16 -20.01 1.82
CA GLU A 330 11.95 -19.20 1.82
C GLU A 330 12.06 -18.16 0.70
N GLY A 331 11.14 -18.24 -0.24
CA GLY A 331 10.95 -17.21 -1.23
C GLY A 331 11.94 -17.26 -2.38
N ILE A 332 12.50 -18.42 -2.64
CA ILE A 332 13.18 -18.65 -3.90
C ILE A 332 12.48 -19.77 -4.65
N PHE A 333 12.41 -19.65 -5.97
CA PHE A 333 11.82 -20.72 -6.80
C PHE A 333 12.40 -22.07 -6.38
N ASP A 334 11.52 -23.05 -6.20
CA ASP A 334 11.93 -24.38 -5.75
C ASP A 334 12.17 -25.30 -6.95
N PRO A 335 13.44 -25.64 -7.22
CA PRO A 335 13.71 -26.50 -8.38
C PRO A 335 13.05 -27.92 -8.36
N ASN A 336 12.86 -28.52 -7.19
CA ASN A 336 12.30 -29.89 -7.13
C ASN A 336 10.86 -29.94 -7.62
N ASN A 337 10.17 -28.81 -7.47
CA ASN A 337 8.75 -28.72 -7.73
C ASN A 337 8.52 -27.55 -8.68
N ALA A 338 9.13 -27.65 -9.85
CA ALA A 338 9.01 -26.57 -10.84
C ALA A 338 7.59 -26.46 -11.39
N GLY A 339 7.27 -25.23 -11.79
CA GLY A 339 6.01 -24.94 -12.45
C GLY A 339 5.22 -23.96 -11.62
N PHE A 340 4.07 -23.57 -12.14
CA PHE A 340 3.21 -22.59 -11.51
C PHE A 340 2.24 -23.30 -10.57
N TYR A 341 1.94 -22.68 -9.43
CA TYR A 341 0.64 -22.85 -8.75
C TYR A 341 -0.23 -21.63 -8.96
N THR A 342 -1.49 -21.74 -8.57
CA THR A 342 -2.42 -20.62 -8.58
C THR A 342 -3.11 -20.49 -7.24
N ALA A 343 -2.93 -19.34 -6.59
CA ALA A 343 -3.67 -19.04 -5.37
C ALA A 343 -4.86 -18.19 -5.77
N THR A 344 -5.96 -18.44 -5.09
CA THR A 344 -7.20 -17.78 -5.47
C THR A 344 -7.82 -17.10 -4.28
N LEU A 345 -8.16 -15.83 -4.50
CA LEU A 345 -8.79 -15.03 -3.47
C LEU A 345 -10.12 -14.62 -4.02
N ARG A 346 -11.15 -15.01 -3.29
CA ARG A 346 -12.51 -14.56 -3.58
C ARG A 346 -12.91 -13.67 -2.42
N ASP A 347 -13.12 -12.39 -2.72
CA ASP A 347 -13.46 -11.42 -1.70
C ASP A 347 -14.79 -10.79 -2.05
N LEU A 348 -15.68 -10.80 -1.07
CA LEU A 348 -17.06 -10.44 -1.25
C LEU A 348 -17.41 -9.30 -0.30
N THR A 349 -17.89 -8.19 -0.85
CA THR A 349 -18.14 -7.02 -0.03
C THR A 349 -19.51 -6.43 -0.29
N ALA A 350 -20.29 -6.27 0.77
CA ALA A 350 -21.57 -5.58 0.73
C ALA A 350 -21.73 -4.59 1.88
N HIS A 351 -22.38 -3.47 1.56
CA HIS A 351 -22.30 -2.24 2.35
C HIS A 351 -23.63 -1.49 2.23
N GLY A 352 -24.21 -1.06 3.36
CA GLY A 352 -25.40 -0.21 3.31
C GLY A 352 -25.26 1.01 4.19
N GLU A 353 -25.63 2.16 3.63
CA GLU A 353 -25.87 3.34 4.46
C GLU A 353 -27.10 4.16 4.06
N VAL A 354 -27.68 4.83 5.04
CA VAL A 354 -28.40 6.06 4.78
C VAL A 354 -27.93 7.20 5.68
N ASN A 355 -28.27 8.41 5.29
CA ASN A 355 -27.89 9.60 6.03
C ASN A 355 -29.08 10.48 6.26
N LEU A 356 -29.06 11.17 7.40
CA LEU A 356 -30.24 11.82 7.96
C LEU A 356 -29.89 13.24 8.45
N PRO A 357 -30.23 14.27 7.65
CA PRO A 357 -30.20 15.63 8.18
C PRO A 357 -31.18 15.82 9.33
N LEU A 358 -30.67 16.20 10.50
CA LEU A 358 -31.47 16.27 11.73
C LEU A 358 -31.44 17.65 12.45
N HIS A 359 -32.57 18.33 12.41
CA HIS A 359 -32.68 19.68 12.96
C HIS A 359 -33.20 19.56 14.39
N LEU A 360 -32.40 20.05 15.34
CA LEU A 360 -32.55 19.67 16.74
C LEU A 360 -31.78 20.67 17.61
N GLY A 361 -31.38 20.26 18.81
CA GLY A 361 -30.66 21.12 19.74
C GLY A 361 -29.44 21.76 19.10
N TYR A 362 -28.67 20.94 18.40
CA TYR A 362 -27.62 21.40 17.51
C TYR A 362 -27.95 20.90 16.11
N GLU A 363 -27.86 21.79 15.11
CA GLU A 363 -28.11 21.42 13.72
C GLU A 363 -27.04 20.42 13.23
N GLN A 364 -27.46 19.28 12.68
CA GLN A 364 -26.59 18.09 12.62
C GLN A 364 -26.97 17.05 11.56
N THR A 365 -26.05 16.11 11.30
CA THR A 365 -26.22 15.10 10.24
C THR A 365 -25.79 13.70 10.71
N LEU A 366 -26.65 12.71 10.50
CA LEU A 366 -26.45 11.36 11.07
C LEU A 366 -26.44 10.23 10.03
N THR A 367 -25.47 9.32 10.18
CA THR A 367 -25.21 8.30 9.16
C THR A 367 -25.28 6.92 9.80
N LEU A 368 -25.99 6.01 9.14
CA LEU A 368 -26.25 4.71 9.72
C LEU A 368 -25.93 3.67 8.68
N GLY A 369 -25.24 2.60 9.10
CA GLY A 369 -24.72 1.60 8.16
C GLY A 369 -24.26 0.25 8.72
N SER A 370 -24.50 -0.78 7.92
CA SER A 370 -23.84 -2.07 8.13
C SER A 370 -22.83 -2.31 7.03
N GLU A 371 -21.90 -3.21 7.32
CA GLU A 371 -21.03 -3.79 6.29
C GLU A 371 -20.79 -5.28 6.49
N TRP A 372 -20.81 -6.04 5.40
CA TRP A 372 -20.42 -7.45 5.42
C TRP A 372 -19.36 -7.81 4.37
N THR A 373 -18.33 -8.52 4.81
CA THR A 373 -17.31 -9.05 3.88
C THR A 373 -17.01 -10.50 4.16
N GLU A 374 -16.59 -11.17 3.11
CA GLU A 374 -16.03 -12.52 3.17
C GLU A 374 -14.78 -12.58 2.34
N GLN A 375 -13.73 -13.11 2.94
CA GLN A 375 -12.46 -13.40 2.26
C GLN A 375 -12.31 -14.95 2.20
N LYS A 376 -12.39 -15.54 1.01
CA LYS A 376 -12.01 -16.95 0.86
C LYS A 376 -10.64 -16.98 0.20
N LEU A 377 -9.72 -17.77 0.77
CA LEU A 377 -8.39 -17.92 0.20
C LEU A 377 -8.12 -19.38 -0.09
N ASP A 378 -7.85 -19.68 -1.35
CA ASP A 378 -7.26 -20.95 -1.69
C ASP A 378 -5.79 -20.82 -2.10
N ASP A 379 -4.90 -21.42 -1.32
CA ASP A 379 -3.47 -21.33 -1.58
C ASP A 379 -2.78 -22.68 -1.45
N PRO A 380 -2.37 -23.29 -2.58
CA PRO A 380 -1.80 -24.67 -2.46
C PRO A 380 -0.36 -24.79 -1.96
N SER A 381 0.51 -23.92 -2.39
CA SER A 381 1.91 -24.04 -2.10
C SER A 381 2.25 -23.65 -0.66
N SER A 382 1.47 -22.77 -0.08
CA SER A 382 1.82 -22.15 1.19
C SER A 382 1.70 -23.05 2.42
N ASN A 383 0.84 -24.06 2.36
CA ASN A 383 0.66 -24.89 3.52
C ASN A 383 1.32 -26.25 3.37
N THR A 384 2.51 -26.31 2.76
CA THR A 384 3.05 -27.56 2.35
C THR A 384 4.28 -27.96 3.12
N GLN A 385 4.88 -27.02 3.83
CA GLN A 385 6.05 -27.34 4.61
C GLN A 385 5.80 -28.56 5.45
N ASN A 386 6.82 -29.42 5.49
CA ASN A 386 6.72 -30.70 6.11
C ASN A 386 7.66 -30.82 7.29
N THR A 387 7.44 -31.88 8.06
CA THR A 387 7.88 -31.91 9.43
C THR A 387 8.93 -32.99 9.60
N GLU A 388 9.52 -33.43 8.48
CA GLU A 388 10.39 -34.59 8.48
C GLU A 388 11.74 -34.29 9.11
N GLU A 389 12.13 -33.02 9.11
CA GLU A 389 13.46 -32.65 9.57
C GLU A 389 13.44 -32.09 10.99
N GLY A 390 12.55 -31.14 11.26
CA GLY A 390 12.42 -30.57 12.60
C GLY A 390 11.59 -31.38 13.58
N GLY A 391 11.01 -32.48 13.12
CA GLY A 391 10.19 -33.34 14.00
C GLY A 391 8.77 -32.81 13.92
N SER A 392 7.81 -33.65 14.28
CA SER A 392 6.39 -33.38 13.99
C SER A 392 5.70 -32.62 15.12
N ILE A 393 4.54 -32.05 14.80
CA ILE A 393 3.92 -31.03 15.63
C ILE A 393 2.52 -31.43 15.98
N PRO A 394 2.29 -31.80 17.25
CA PRO A 394 0.96 -32.26 17.65
C PRO A 394 -0.19 -31.34 17.20
N GLY A 395 -1.12 -31.92 16.46
CA GLY A 395 -2.22 -31.15 15.86
C GLY A 395 -1.98 -30.55 14.49
N LEU A 396 -0.79 -30.74 13.92
CA LEU A 396 -0.54 -30.37 12.54
C LEU A 396 -0.12 -31.59 11.73
N ALA A 397 -0.93 -32.02 10.77
CA ALA A 397 -0.53 -33.09 9.87
C ALA A 397 0.63 -32.61 8.99
N GLY A 398 1.65 -33.44 8.80
CA GLY A 398 2.83 -33.04 8.01
C GLY A 398 2.61 -32.96 6.50
N LYS A 399 1.54 -33.57 6.03
CA LYS A 399 1.23 -33.66 4.60
C LYS A 399 -0.25 -33.41 4.31
N ASN A 400 -0.53 -32.97 3.10
CA ASN A 400 -1.86 -32.73 2.58
C ASN A 400 -2.74 -31.84 3.41
N ARG A 401 -2.17 -30.79 3.97
CA ARG A 401 -2.97 -29.85 4.75
C ARG A 401 -3.82 -29.00 3.82
N SER A 402 -4.88 -28.46 4.37
CA SER A 402 -5.88 -27.73 3.64
C SER A 402 -5.30 -26.58 2.82
N SER A 403 -5.88 -26.34 1.65
CA SER A 403 -5.60 -25.10 0.89
C SER A 403 -6.28 -23.86 1.48
N SER A 404 -7.41 -24.11 2.15
CA SER A 404 -8.43 -23.12 2.39
C SER A 404 -8.37 -22.38 3.74
N SER A 405 -8.68 -21.10 3.65
CA SER A 405 -8.73 -20.21 4.80
C SER A 405 -9.82 -19.22 4.51
N SER A 406 -10.41 -18.62 5.54
CA SER A 406 -11.52 -17.73 5.31
C SER A 406 -11.80 -16.94 6.58
N ALA A 407 -12.35 -15.74 6.43
CA ALA A 407 -12.92 -15.06 7.55
C ALA A 407 -14.03 -14.17 7.08
N ARG A 408 -15.01 -13.99 7.94
CA ARG A 408 -16.05 -13.01 7.64
C ARG A 408 -16.03 -11.97 8.74
N ILE A 409 -16.13 -10.70 8.38
CA ILE A 409 -16.45 -9.66 9.36
C ILE A 409 -17.79 -9.03 9.06
N PHE A 410 -18.67 -8.98 10.07
CA PHE A 410 -19.87 -8.14 10.04
C PHE A 410 -19.69 -6.90 10.90
N SER A 411 -20.28 -5.79 10.44
CA SER A 411 -19.98 -4.50 10.99
C SER A 411 -21.21 -3.59 10.95
N LEU A 412 -21.41 -2.87 12.04
CA LEU A 412 -22.45 -1.84 12.10
C LEU A 412 -21.80 -0.57 12.61
N PHE A 413 -22.36 0.56 12.18
CA PHE A 413 -21.79 1.86 12.55
C PHE A 413 -22.77 3.02 12.40
N ALA A 414 -22.47 4.11 13.10
CA ALA A 414 -23.18 5.38 12.90
C ALA A 414 -22.26 6.54 13.17
N GLU A 415 -22.25 7.52 12.29
CA GLU A 415 -21.50 8.76 12.53
C GLU A 415 -22.56 9.81 12.82
N ASP A 416 -22.28 10.70 13.76
CA ASP A 416 -22.99 11.98 13.80
C ASP A 416 -22.11 13.23 13.67
N ASN A 417 -22.43 13.99 12.62
CA ASN A 417 -21.75 15.24 12.29
C ASN A 417 -22.59 16.37 12.84
N ILE A 418 -22.00 17.21 13.68
CA ILE A 418 -22.77 18.13 14.50
C ILE A 418 -22.23 19.55 14.38
N GLU A 419 -23.11 20.50 14.04
CA GLU A 419 -22.81 21.93 14.15
C GLU A 419 -23.21 22.42 15.54
N LEU A 420 -22.23 22.49 16.44
CA LEU A 420 -22.43 23.16 17.74
C LEU A 420 -22.70 24.66 17.58
N MET A 421 -21.86 25.32 16.80
CA MET A 421 -22.10 26.71 16.37
C MET A 421 -21.41 26.90 15.03
N PRO A 422 -21.94 27.79 14.17
CA PRO A 422 -21.46 27.90 12.78
C PRO A 422 -19.92 27.86 12.66
N GLY A 423 -19.40 27.02 11.79
CA GLY A 423 -17.95 26.90 11.59
C GLY A 423 -17.22 26.07 12.64
N THR A 424 -17.98 25.43 13.54
CA THR A 424 -17.40 24.48 14.49
C THR A 424 -18.14 23.16 14.32
N MET A 425 -17.41 22.05 14.14
CA MET A 425 -18.04 20.73 13.98
C MET A 425 -17.50 19.64 14.91
N LEU A 426 -18.44 18.85 15.42
CA LEU A 426 -18.13 17.66 16.20
C LEU A 426 -18.67 16.40 15.51
N THR A 427 -17.83 15.39 15.36
CA THR A 427 -18.20 14.19 14.65
C THR A 427 -17.79 12.98 15.50
N PRO A 428 -18.73 12.48 16.31
CA PRO A 428 -18.58 11.14 16.90
C PRO A 428 -19.13 10.04 16.00
N GLY A 429 -18.48 8.90 16.05
CA GLY A 429 -19.07 7.68 15.54
C GLY A 429 -18.58 6.43 16.24
N LEU A 430 -19.34 5.36 16.10
CA LEU A 430 -18.99 4.09 16.69
C LEU A 430 -19.00 3.12 15.54
N ARG A 431 -17.94 2.32 15.45
CA ARG A 431 -17.96 1.10 14.65
C ARG A 431 -17.86 -0.11 15.54
N TRP A 432 -18.74 -1.09 15.31
CA TRP A 432 -18.62 -2.42 15.91
C TRP A 432 -18.48 -3.46 14.82
N ASP A 433 -17.49 -4.33 14.98
CA ASP A 433 -17.17 -5.36 13.98
C ASP A 433 -17.18 -6.73 14.65
N HIS A 434 -17.93 -7.69 14.11
CA HIS A 434 -17.82 -9.10 14.51
C HIS A 434 -17.04 -9.91 13.49
N HIS A 435 -15.84 -10.30 13.90
CA HIS A 435 -15.00 -11.25 13.16
C HIS A 435 -15.36 -12.63 13.67
N ASP A 436 -15.63 -13.53 12.73
CA ASP A 436 -16.18 -14.83 13.11
C ASP A 436 -15.21 -15.73 13.88
N ILE A 437 -13.92 -15.46 13.75
CA ILE A 437 -12.89 -16.15 14.50
C ILE A 437 -12.36 -15.32 15.66
N VAL A 438 -11.97 -14.08 15.41
CA VAL A 438 -11.27 -13.28 16.36
C VAL A 438 -12.19 -12.80 17.48
N GLY A 439 -13.44 -12.54 17.11
CA GLY A 439 -14.42 -12.03 18.03
C GLY A 439 -14.81 -10.60 17.73
N ASP A 440 -15.19 -9.87 18.76
CA ASP A 440 -15.85 -8.60 18.56
C ASP A 440 -14.81 -7.53 18.70
N ASN A 441 -14.85 -6.50 17.84
CA ASN A 441 -14.11 -5.28 18.06
C ASN A 441 -15.02 -4.04 18.18
N TRP A 442 -14.64 -3.16 19.11
CA TRP A 442 -15.28 -1.84 19.26
C TRP A 442 -14.29 -0.71 18.92
N SER A 443 -14.54 -0.05 17.79
CA SER A 443 -13.72 1.10 17.33
C SER A 443 -14.55 2.41 17.39
N PRO A 444 -14.50 3.12 18.54
CA PRO A 444 -15.07 4.46 18.67
C PRO A 444 -14.21 5.50 17.99
N SER A 445 -14.79 6.66 17.68
CA SER A 445 -14.03 7.80 17.18
C SER A 445 -14.67 9.15 17.48
N LEU A 446 -13.82 10.19 17.45
CA LEU A 446 -14.28 11.56 17.72
C LEU A 446 -13.42 12.60 17.02
N ASN A 447 -14.06 13.41 16.19
CA ASN A 447 -13.33 14.35 15.35
C ASN A 447 -13.89 15.76 15.45
N LEU A 448 -13.01 16.68 15.84
CA LEU A 448 -13.33 18.08 16.14
C LEU A 448 -12.61 18.95 15.11
N SER A 449 -13.34 19.95 14.59
CA SER A 449 -12.73 21.11 13.91
C SER A 449 -13.31 22.42 14.48
N HIS A 450 -12.44 23.42 14.67
CA HIS A 450 -12.85 24.73 15.19
C HIS A 450 -12.22 25.92 14.45
N ALA A 451 -13.04 26.92 14.11
CA ALA A 451 -12.51 28.08 13.40
C ALA A 451 -12.17 29.07 14.50
N LEU A 452 -10.89 29.12 14.87
CA LEU A 452 -10.43 30.14 15.80
C LEU A 452 -10.57 31.48 15.16
N THR A 453 -10.37 31.51 13.83
CA THR A 453 -10.46 32.74 13.06
C THR A 453 -11.01 32.37 11.71
N GLU A 454 -11.61 33.34 11.05
CA GLU A 454 -12.06 33.16 9.69
C GLU A 454 -10.84 32.73 8.90
N ARG A 455 -9.66 32.79 9.53
CA ARG A 455 -8.43 32.46 8.82
C ARG A 455 -7.77 31.20 9.38
N VAL A 456 -8.22 30.78 10.56
CA VAL A 456 -7.44 29.82 11.31
C VAL A 456 -8.39 28.81 11.88
N THR A 457 -7.96 27.56 11.85
CA THR A 457 -8.81 26.42 12.13
C THR A 457 -7.99 25.43 12.95
N LEU A 458 -8.51 24.99 14.09
CA LEU A 458 -7.83 23.97 14.88
C LEU A 458 -8.57 22.66 14.70
N LYS A 459 -7.85 21.57 14.51
CA LYS A 459 -8.49 20.27 14.39
C LYS A 459 -7.85 19.26 15.33
N ALA A 460 -8.70 18.42 15.91
CA ALA A 460 -8.25 17.38 16.81
C ALA A 460 -9.05 16.10 16.56
N GLY A 461 -8.42 14.94 16.72
CA GLY A 461 -9.06 13.67 16.52
C GLY A 461 -8.43 12.60 17.41
N ILE A 462 -9.26 11.71 17.92
CA ILE A 462 -8.74 10.53 18.61
C ILE A 462 -9.67 9.37 18.31
N ALA A 463 -9.14 8.35 17.62
CA ALA A 463 -9.92 7.14 17.34
C ALA A 463 -9.12 5.89 17.70
N ARG A 464 -9.82 4.76 17.79
CA ARG A 464 -9.16 3.46 17.96
C ARG A 464 -9.51 2.62 16.71
N ALA A 465 -8.50 2.35 15.89
CA ALA A 465 -8.73 1.68 14.61
C ALA A 465 -8.49 0.20 14.78
N TYR A 466 -8.78 -0.55 13.72
CA TYR A 466 -8.98 -1.97 13.83
C TYR A 466 -8.13 -2.66 12.76
N LYS A 467 -7.43 -3.72 13.13
CA LYS A 467 -6.76 -4.57 12.14
C LYS A 467 -6.97 -6.09 12.36
N ALA A 468 -7.74 -6.72 11.48
CA ALA A 468 -7.98 -8.14 11.61
C ALA A 468 -6.77 -8.92 11.10
N PRO A 469 -6.32 -9.92 11.86
CA PRO A 469 -5.18 -10.70 11.41
C PRO A 469 -5.43 -11.23 10.00
N ASN A 470 -4.40 -11.32 9.16
CA ASN A 470 -4.61 -11.75 7.79
C ASN A 470 -4.68 -13.28 7.83
N LEU A 471 -5.13 -13.91 6.74
CA LEU A 471 -5.42 -15.32 6.74
C LEU A 471 -4.22 -16.24 6.88
N TYR A 472 -3.05 -15.71 6.57
CA TYR A 472 -1.82 -16.44 6.83
C TYR A 472 -1.47 -16.46 8.32
N GLN A 473 -1.52 -15.30 8.97
CA GLN A 473 -1.19 -15.21 10.39
C GLN A 473 -2.10 -16.11 11.19
N LEU A 474 -3.34 -16.23 10.74
CA LEU A 474 -4.42 -16.81 11.54
C LEU A 474 -4.44 -18.35 11.48
N ASN A 475 -3.72 -18.91 10.53
CA ASN A 475 -3.97 -20.32 10.10
C ASN A 475 -2.90 -21.26 10.64
N PRO A 476 -3.32 -22.18 11.55
CA PRO A 476 -2.37 -23.16 12.07
C PRO A 476 -1.92 -24.24 11.07
N ASP A 477 -2.40 -24.21 9.85
CA ASP A 477 -1.77 -25.05 8.83
C ASP A 477 -0.59 -24.32 8.12
N TYR A 478 -0.37 -23.05 8.42
CA TYR A 478 0.69 -22.30 7.72
C TYR A 478 1.95 -22.31 8.55
N LEU A 479 3.02 -22.83 7.92
CA LEU A 479 4.16 -23.36 8.64
C LEU A 479 5.42 -23.01 7.87
N LEU A 480 6.33 -22.33 8.55
CA LEU A 480 7.64 -22.09 8.02
C LEU A 480 8.63 -22.77 8.93
N TYR A 481 9.84 -22.99 8.40
CA TYR A 481 10.88 -23.72 9.10
C TYR A 481 12.24 -23.09 8.87
N SER A 482 13.06 -23.13 9.89
CA SER A 482 14.44 -22.71 9.76
C SER A 482 15.29 -23.62 10.59
N ARG A 483 16.50 -23.86 10.11
CA ARG A 483 17.48 -24.66 10.81
C ARG A 483 18.20 -23.91 11.92
N GLY A 484 17.94 -22.62 12.03
CA GLY A 484 18.56 -21.85 13.12
C GLY A 484 18.66 -20.39 12.80
N GLN A 485 19.00 -20.09 11.56
CA GLN A 485 19.43 -18.74 11.21
C GLN A 485 18.29 -17.71 11.39
N GLY A 486 17.05 -18.19 11.36
CA GLY A 486 15.87 -17.31 11.42
C GLY A 486 15.07 -17.41 12.71
N CYS A 487 15.64 -18.05 13.72
CA CYS A 487 14.91 -18.32 14.98
C CYS A 487 15.33 -17.38 16.09
N TYR A 488 14.33 -16.77 16.72
CA TYR A 488 14.58 -15.76 17.75
C TYR A 488 15.10 -16.43 19.02
N GLY A 489 16.32 -16.05 19.43
CA GLY A 489 16.82 -16.36 20.77
C GLY A 489 17.54 -17.69 20.86
N GLN A 490 18.09 -18.15 19.75
CA GLN A 490 18.69 -19.49 19.63
C GLN A 490 19.25 -19.76 18.21
N SER A 491 20.07 -20.81 18.06
CA SER A 491 20.52 -21.28 16.74
C SER A 491 19.90 -22.61 16.34
N THR A 492 19.24 -23.26 17.28
CA THR A 492 18.53 -24.54 17.00
C THR A 492 17.47 -24.28 15.92
N SER A 493 17.18 -25.30 15.11
CA SER A 493 16.02 -25.33 14.25
C SER A 493 14.74 -24.94 14.96
N CYS A 494 13.87 -24.28 14.20
CA CYS A 494 12.55 -23.95 14.67
C CYS A 494 11.50 -23.87 13.59
N TYR A 495 10.26 -23.99 14.01
CA TYR A 495 9.09 -23.78 13.18
C TYR A 495 8.40 -22.49 13.56
N LEU A 496 7.76 -21.87 12.59
CA LEU A 496 6.83 -20.79 12.88
C LEU A 496 5.47 -21.15 12.34
N ARG A 497 4.47 -20.87 13.15
CA ARG A 497 3.15 -21.43 12.93
C ARG A 497 2.08 -20.38 13.09
N GLY A 498 1.02 -20.51 12.29
CA GLY A 498 -0.11 -19.61 12.43
C GLY A 498 -0.92 -19.92 13.67
N ASN A 499 -1.79 -19.01 14.03
CA ASN A 499 -2.30 -18.93 15.39
C ASN A 499 -3.69 -18.34 15.37
N ASP A 500 -4.70 -19.21 15.45
CA ASP A 500 -6.08 -18.79 15.41
C ASP A 500 -6.54 -18.17 16.75
N GLY A 501 -5.63 -18.13 17.72
CA GLY A 501 -5.93 -17.54 19.02
C GLY A 501 -5.82 -16.02 18.99
N LEU A 502 -5.23 -15.48 17.94
CA LEU A 502 -4.71 -14.12 17.96
C LEU A 502 -5.83 -13.13 18.27
N LYS A 503 -5.45 -12.02 18.91
CA LYS A 503 -6.28 -10.82 18.93
C LYS A 503 -6.02 -9.99 17.68
N ALA A 504 -7.04 -9.24 17.25
CA ALA A 504 -6.87 -8.14 16.29
C ALA A 504 -5.91 -7.06 16.82
N GLU A 505 -5.18 -6.42 15.90
CA GLU A 505 -4.36 -5.25 16.20
C GLU A 505 -5.30 -4.05 16.31
N THR A 506 -5.11 -3.27 17.36
CA THR A 506 -5.77 -2.00 17.45
C THR A 506 -4.75 -0.88 17.68
N SER A 507 -5.16 0.34 17.31
CA SER A 507 -4.31 1.51 17.42
C SER A 507 -5.17 2.71 17.80
N VAL A 508 -4.74 3.38 18.86
CA VAL A 508 -5.34 4.64 19.25
C VAL A 508 -4.64 5.79 18.57
N ASN A 509 -5.15 6.17 17.41
CA ASN A 509 -4.54 7.23 16.61
C ASN A 509 -4.98 8.60 17.10
N LYS A 510 -4.09 9.31 17.80
CA LYS A 510 -4.37 10.73 18.17
C LYS A 510 -3.75 11.69 17.14
N GLU A 511 -4.43 12.81 16.86
CA GLU A 511 -3.87 13.91 16.05
C GLU A 511 -4.39 15.30 16.50
N LEU A 512 -3.47 16.25 16.60
CA LEU A 512 -3.81 17.63 16.92
C LEU A 512 -3.13 18.55 15.90
N GLY A 513 -3.92 19.36 15.19
CA GLY A 513 -3.38 20.14 14.09
C GLY A 513 -3.95 21.56 14.01
N ILE A 514 -3.15 22.49 13.46
CA ILE A 514 -3.61 23.85 13.20
C ILE A 514 -3.27 24.41 11.80
N GLU A 515 -4.25 25.10 11.18
CA GLU A 515 -4.07 25.58 9.80
C GLU A 515 -4.59 27.00 9.56
N TYR A 516 -3.70 27.85 9.03
CA TYR A 516 -4.02 29.18 8.50
C TYR A 516 -4.34 29.04 7.02
N SER A 517 -5.45 29.63 6.59
CA SER A 517 -5.93 29.38 5.23
C SER A 517 -6.75 30.55 4.78
N HIS A 518 -6.15 31.35 3.88
CA HIS A 518 -6.73 32.61 3.43
C HIS A 518 -6.14 33.00 2.07
N ASP A 519 -7.00 33.11 1.08
CA ASP A 519 -6.66 33.57 -0.28
C ASP A 519 -5.51 32.77 -0.87
N GLY A 520 -5.62 31.46 -0.86
CA GLY A 520 -4.56 30.59 -1.40
C GLY A 520 -3.26 30.60 -0.64
N LEU A 521 -3.15 31.40 0.40
CA LEU A 521 -2.10 31.22 1.38
C LEU A 521 -2.56 30.13 2.33
N VAL A 522 -1.80 29.03 2.37
CA VAL A 522 -2.11 27.98 3.31
C VAL A 522 -0.86 27.57 4.09
N ALA A 523 -0.99 27.50 5.41
CA ALA A 523 0.12 27.13 6.31
C ALA A 523 -0.44 26.31 7.46
N GLY A 524 0.00 25.08 7.60
CA GLY A 524 -0.53 24.15 8.59
C GLY A 524 0.51 23.19 9.15
N LEU A 525 0.27 22.69 10.35
CA LEU A 525 1.19 21.79 11.01
C LEU A 525 0.43 20.88 11.95
N THR A 526 0.63 19.58 11.80
CA THR A 526 -0.12 18.59 12.55
C THR A 526 0.83 17.66 13.29
N TYR A 527 0.54 17.40 14.55
CA TYR A 527 1.22 16.36 15.30
C TYR A 527 0.31 15.15 15.43
N PHE A 528 0.91 13.97 15.26
CA PHE A 528 0.16 12.71 15.36
C PHE A 528 0.89 11.72 16.25
N ARG A 529 0.12 10.97 17.03
CA ARG A 529 0.67 9.81 17.72
C ARG A 529 -0.33 8.68 17.63
N ASN A 530 0.15 7.53 17.18
CA ASN A 530 -0.65 6.31 17.19
C ASN A 530 -0.04 5.34 18.18
N ASP A 531 -0.84 4.98 19.19
CA ASP A 531 -0.45 3.95 20.14
C ASP A 531 -0.97 2.61 19.64
N TYR A 532 -0.04 1.67 19.48
CA TYR A 532 -0.23 0.55 18.57
C TYR A 532 -0.19 -0.74 19.40
N LYS A 533 -1.34 -1.40 19.52
CA LYS A 533 -1.57 -2.44 20.53
C LYS A 533 -1.81 -3.72 19.76
N ASN A 534 -1.05 -4.75 20.12
CA ASN A 534 -1.22 -6.11 19.59
C ASN A 534 -0.72 -6.25 18.17
N LYS A 535 0.19 -5.39 17.73
CA LYS A 535 0.82 -5.59 16.45
C LYS A 535 1.26 -7.05 16.29
N ILE A 536 0.81 -7.69 15.21
CA ILE A 536 1.07 -9.11 14.96
C ILE A 536 2.36 -9.33 14.17
N GLU A 537 3.13 -10.34 14.57
CA GLU A 537 4.53 -10.42 14.23
C GLU A 537 5.06 -11.81 14.65
N SER A 538 6.14 -12.27 14.04
CA SER A 538 6.67 -13.56 14.41
C SER A 538 7.07 -13.52 15.89
N GLY A 539 6.80 -14.60 16.61
CA GLY A 539 6.93 -14.54 18.04
C GLY A 539 8.37 -14.69 18.48
N LEU A 540 8.63 -14.54 19.78
CA LEU A 540 10.00 -14.39 20.27
C LEU A 540 10.44 -15.54 21.20
N SER A 541 9.48 -16.15 21.89
CA SER A 541 9.67 -17.37 22.67
C SER A 541 9.01 -18.58 22.03
N PRO A 542 9.66 -19.75 22.17
CA PRO A 542 8.98 -20.96 21.74
C PRO A 542 7.77 -21.19 22.63
N VAL A 543 6.64 -21.58 22.04
CA VAL A 543 5.52 -22.10 22.83
C VAL A 543 5.57 -23.60 23.07
N ASP A 544 6.47 -24.30 22.39
CA ASP A 544 6.49 -25.77 22.40
C ASP A 544 7.75 -26.27 21.73
N HIS A 545 7.96 -27.58 21.72
CA HIS A 545 8.97 -28.20 20.86
C HIS A 545 8.36 -29.40 20.14
N ALA A 546 8.69 -29.55 18.86
CA ALA A 546 8.25 -30.70 18.08
C ALA A 546 8.95 -31.93 18.62
N SER A 547 8.63 -33.10 18.05
CA SER A 547 9.34 -34.32 18.40
C SER A 547 9.74 -35.12 17.14
N GLY A 548 11.02 -35.46 17.07
CA GLY A 548 11.49 -36.38 16.06
C GLY A 548 12.26 -35.60 15.02
N GLY A 549 12.39 -36.18 13.84
CA GLY A 549 13.15 -35.55 12.77
C GLY A 549 14.62 -35.96 12.81
N LYS A 550 15.47 -35.20 12.15
CA LYS A 550 16.77 -35.67 11.73
C LYS A 550 17.94 -34.93 12.38
N GLY A 551 18.78 -35.67 13.09
CA GLY A 551 20.12 -35.22 13.48
C GLY A 551 20.06 -34.04 14.43
N ASP A 552 20.91 -33.04 14.19
CA ASP A 552 21.04 -31.88 15.07
C ASP A 552 19.73 -31.06 15.10
N TYR A 553 18.97 -31.14 14.01
CA TYR A 553 17.72 -30.40 13.81
C TYR A 553 16.47 -31.01 14.46
N ALA A 554 16.59 -32.22 14.99
CA ALA A 554 15.46 -32.89 15.65
C ALA A 554 14.83 -32.03 16.74
N ASN A 555 13.54 -32.28 17.00
CA ASN A 555 12.83 -31.69 18.13
C ASN A 555 12.83 -30.16 18.15
N ALA A 556 12.66 -29.58 16.98
CA ALA A 556 12.83 -28.15 16.81
C ALA A 556 11.89 -27.38 17.70
N ALA A 557 12.22 -26.11 17.93
CA ALA A 557 11.35 -25.21 18.67
C ALA A 557 10.14 -24.85 17.80
N ILE A 558 8.99 -24.61 18.46
CA ILE A 558 7.79 -24.11 17.80
C ILE A 558 7.47 -22.70 18.29
N TYR A 559 7.43 -21.77 17.36
CA TYR A 559 6.97 -20.42 17.63
C TYR A 559 5.63 -20.22 16.91
N GLN A 560 4.81 -19.30 17.42
CA GLN A 560 3.69 -18.78 16.66
C GLN A 560 3.85 -17.31 16.26
N TRP A 561 2.88 -16.86 15.48
CA TRP A 561 2.58 -15.47 15.35
C TRP A 561 2.00 -14.96 16.67
N GLU A 562 2.67 -13.97 17.26
CA GLU A 562 2.17 -13.29 18.49
C GLU A 562 1.52 -11.94 18.16
N ASN A 563 0.76 -11.46 19.13
CA ASN A 563 0.43 -10.05 19.33
C ASN A 563 1.51 -9.37 20.17
N VAL A 564 2.19 -8.37 19.62
CA VAL A 564 3.16 -7.61 20.39
C VAL A 564 2.42 -6.53 21.20
N PRO A 565 2.62 -6.50 22.53
CA PRO A 565 1.67 -5.78 23.41
C PRO A 565 1.55 -4.32 23.01
N LYS A 566 2.69 -3.62 22.96
CA LYS A 566 2.70 -2.20 22.65
C LYS A 566 3.77 -1.78 21.65
N ALA A 567 3.34 -0.94 20.70
CA ALA A 567 4.25 -0.12 19.89
C ALA A 567 3.71 1.31 19.66
N VAL A 568 4.61 2.19 19.20
CA VAL A 568 4.29 3.62 19.03
C VAL A 568 4.87 4.16 17.71
N VAL A 569 4.04 4.88 16.97
CA VAL A 569 4.55 5.89 16.04
C VAL A 569 4.02 7.29 16.29
N GLU A 570 4.83 8.25 15.86
CA GLU A 570 4.75 9.61 16.31
C GLU A 570 5.46 10.45 15.29
N GLY A 571 4.85 11.57 14.88
CA GLY A 571 5.55 12.48 13.97
C GLY A 571 4.80 13.77 13.70
N LEU A 572 5.21 14.45 12.65
CA LEU A 572 4.71 15.77 12.30
C LEU A 572 4.36 15.79 10.84
N GLU A 573 3.26 16.44 10.50
CA GLU A 573 2.96 16.74 9.10
C GLU A 573 2.81 18.22 8.99
N GLY A 574 3.36 18.78 7.92
CA GLY A 574 3.21 20.19 7.63
C GLY A 574 2.95 20.46 6.18
N THR A 575 2.29 21.58 5.94
CA THR A 575 2.06 22.03 4.58
C THR A 575 2.26 23.55 4.57
N LEU A 576 2.76 24.10 3.47
CA LEU A 576 2.85 25.55 3.30
C LEU A 576 2.67 25.96 1.84
N THR A 577 1.68 26.81 1.55
CA THR A 577 1.47 27.19 0.17
C THR A 577 1.36 28.70 0.01
N LEU A 578 2.27 29.25 -0.79
CA LEU A 578 2.36 30.69 -0.99
C LEU A 578 2.16 30.99 -2.47
N PRO A 579 1.25 31.93 -2.77
CA PRO A 579 1.13 32.52 -4.08
C PRO A 579 2.14 33.63 -4.33
N LEU A 580 3.22 33.31 -5.03
CA LEU A 580 4.28 34.28 -5.25
C LEU A 580 3.77 35.45 -6.10
N ALA A 581 3.07 35.15 -7.18
CA ALA A 581 2.26 36.14 -7.92
C ALA A 581 1.06 35.40 -8.44
N ASP A 582 0.33 36.01 -9.38
CA ASP A 582 -0.85 35.37 -9.94
C ASP A 582 -0.52 34.15 -10.76
N GLY A 583 0.49 34.29 -11.63
CA GLY A 583 0.93 33.20 -12.43
C GLY A 583 1.63 32.03 -11.71
N LEU A 584 1.75 32.06 -10.39
CA LEU A 584 2.87 31.36 -9.77
C LEU A 584 2.63 30.91 -8.35
N LYS A 585 2.80 29.62 -8.12
CA LYS A 585 2.38 29.00 -6.86
C LYS A 585 3.51 28.13 -6.32
N TRP A 586 3.87 28.35 -5.06
CA TRP A 586 4.87 27.52 -4.38
C TRP A 586 4.21 26.69 -3.29
N SER A 587 4.26 25.36 -3.43
CA SER A 587 3.61 24.42 -2.51
C SER A 587 4.63 23.53 -1.82
N ASN A 588 4.36 23.15 -0.59
CA ASN A 588 5.26 22.22 0.10
C ASN A 588 4.49 21.35 1.04
N ASN A 589 4.87 20.07 1.08
CA ASN A 589 4.36 19.13 2.07
C ASN A 589 5.53 18.53 2.87
N LEU A 590 5.37 18.46 4.18
CA LEU A 590 6.43 17.95 5.07
C LEU A 590 5.97 16.79 5.96
N THR A 591 6.70 15.68 5.93
CA THR A 591 6.58 14.64 6.93
C THR A 591 7.86 14.67 7.78
N TYR A 592 7.72 14.61 9.11
CA TYR A 592 8.85 14.33 9.99
C TYR A 592 8.50 13.22 10.97
N MET A 593 9.24 12.10 10.88
CA MET A 593 8.98 10.93 11.72
C MET A 593 9.76 10.97 13.03
N LEU A 594 9.08 11.19 14.14
CA LEU A 594 9.75 11.34 15.42
C LEU A 594 10.18 9.97 15.95
N GLN A 595 9.22 9.05 15.95
CA GLN A 595 9.42 7.74 16.55
C GLN A 595 8.70 6.64 15.79
N SER A 596 9.30 5.45 15.83
CA SER A 596 8.70 4.21 15.34
C SER A 596 9.27 3.00 16.08
N LYS A 597 8.55 2.49 17.10
CA LYS A 597 9.17 1.60 18.05
C LYS A 597 8.26 0.44 18.46
N ASN A 598 8.70 -0.76 18.13
CA ASN A 598 8.25 -1.96 18.82
C ASN A 598 8.76 -1.92 20.27
N LYS A 599 7.85 -1.73 21.23
CA LYS A 599 8.27 -1.47 22.61
C LYS A 599 8.67 -2.76 23.33
N GLU A 600 8.32 -3.90 22.74
CA GLU A 600 8.82 -5.17 23.20
C GLU A 600 10.30 -5.36 22.89
N THR A 601 10.69 -5.28 21.62
CA THR A 601 12.08 -5.53 21.22
C THR A 601 12.93 -4.28 21.17
N GLY A 602 12.26 -3.12 21.05
CA GLY A 602 12.94 -1.83 20.96
C GLY A 602 13.44 -1.48 19.56
N ASP A 603 13.21 -2.37 18.61
CA ASP A 603 13.64 -2.13 17.25
C ASP A 603 12.57 -1.30 16.58
N VAL A 604 12.92 -0.76 15.41
CA VAL A 604 11.99 0.01 14.58
C VAL A 604 10.92 -0.91 13.98
N LEU A 605 9.75 -0.35 13.64
CA LEU A 605 8.71 -1.10 12.93
C LEU A 605 8.96 -1.14 11.43
N SER A 606 9.14 0.03 10.84
CA SER A 606 9.47 0.16 9.42
C SER A 606 10.70 1.02 9.30
N VAL A 607 11.35 0.93 8.15
CA VAL A 607 12.37 1.94 7.79
C VAL A 607 11.71 3.05 6.97
N THR A 608 11.60 4.24 7.55
CA THR A 608 11.23 5.42 6.81
C THR A 608 12.34 6.45 6.84
N PRO A 609 12.16 7.51 6.05
CA PRO A 609 13.11 8.59 6.15
C PRO A 609 12.79 9.44 7.34
N ARG A 610 13.80 10.07 7.93
CA ARG A 610 13.54 10.86 9.12
C ARG A 610 12.56 12.00 8.79
N TYR A 611 12.75 12.60 7.61
CA TYR A 611 11.82 13.60 7.11
C TYR A 611 11.69 13.43 5.61
N THR A 612 10.62 14.02 5.05
CA THR A 612 10.39 14.10 3.66
C THR A 612 9.72 15.42 3.34
N LEU A 613 10.34 16.19 2.46
CA LEU A 613 9.81 17.47 2.05
C LEU A 613 9.62 17.43 0.54
N ASN A 614 8.39 17.63 0.07
CA ASN A 614 8.15 17.77 -1.35
C ASN A 614 7.81 19.22 -1.64
N SER A 615 8.42 19.77 -2.68
CA SER A 615 8.22 21.13 -3.04
C SER A 615 7.93 21.27 -4.54
N MET A 616 6.79 21.85 -4.86
CA MET A 616 6.49 22.19 -6.25
C MET A 616 6.43 23.71 -6.45
N LEU A 617 7.05 24.18 -7.52
CA LEU A 617 6.80 25.50 -8.05
C LEU A 617 5.96 25.35 -9.31
N ASP A 618 4.83 26.03 -9.39
CA ASP A 618 3.92 25.93 -10.51
C ASP A 618 3.75 27.30 -11.18
N TRP A 619 4.34 27.47 -12.35
CA TRP A 619 4.26 28.71 -13.13
C TRP A 619 3.27 28.51 -14.28
N GLN A 620 2.20 29.30 -14.31
CA GLN A 620 1.31 29.29 -15.44
C GLN A 620 1.84 30.35 -16.42
N ALA A 621 2.96 30.02 -17.06
CA ALA A 621 3.70 31.01 -17.85
C ALA A 621 2.85 31.67 -18.96
N THR A 622 1.93 30.93 -19.58
CA THR A 622 0.91 31.56 -20.44
C THR A 622 -0.45 30.89 -20.19
N ASP A 623 -1.48 31.38 -20.86
CA ASP A 623 -2.76 30.71 -20.83
C ASP A 623 -2.59 29.27 -21.35
N ASP A 624 -1.56 29.06 -22.18
CA ASP A 624 -1.34 27.78 -22.83
C ASP A 624 -0.09 27.02 -22.37
N LEU A 625 0.84 27.64 -21.65
CA LEU A 625 2.00 26.89 -21.14
C LEU A 625 2.05 26.93 -19.61
N SER A 626 2.01 25.75 -18.99
CA SER A 626 2.35 25.60 -17.59
C SER A 626 3.69 24.91 -17.42
N LEU A 627 4.44 25.37 -16.42
CA LEU A 627 5.74 24.81 -16.11
C LEU A 627 5.85 24.44 -14.65
N GLN A 628 6.48 23.30 -14.39
CA GLN A 628 6.60 22.80 -13.03
C GLN A 628 8.05 22.44 -12.71
N ALA A 629 8.53 22.96 -11.59
CA ALA A 629 9.75 22.45 -10.97
C ALA A 629 9.40 21.76 -9.65
N THR A 630 10.07 20.65 -9.37
CA THR A 630 9.85 19.97 -8.13
C THR A 630 11.14 19.57 -7.44
N VAL A 631 11.13 19.57 -6.12
CA VAL A 631 12.15 18.86 -5.35
C VAL A 631 11.54 18.10 -4.19
N THR A 632 12.09 16.89 -4.04
CA THR A 632 11.93 16.10 -2.84
C THR A 632 13.25 15.90 -2.11
N TRP A 633 13.24 16.20 -0.81
CA TRP A 633 14.34 15.91 0.08
C TRP A 633 13.89 14.71 0.94
N TYR A 634 14.73 13.70 0.96
CA TYR A 634 14.61 12.60 1.90
C TYR A 634 15.67 12.74 2.99
N GLY A 635 15.25 12.67 4.24
CA GLY A 635 16.14 12.49 5.36
C GLY A 635 16.85 11.15 5.41
N LYS A 636 17.75 11.06 6.40
CA LYS A 636 18.44 9.84 6.78
C LYS A 636 17.48 8.65 6.91
N GLN A 637 18.01 7.45 6.68
CA GLN A 637 17.26 6.22 6.94
C GLN A 637 18.19 5.27 7.70
N LYS A 638 17.68 4.67 8.78
CA LYS A 638 18.44 3.76 9.68
C LYS A 638 17.88 2.32 9.55
N PRO A 639 18.75 1.31 9.57
CA PRO A 639 18.19 -0.06 9.54
C PRO A 639 17.80 -0.56 10.94
N LYS A 640 17.17 -1.72 11.00
CA LYS A 640 16.94 -2.40 12.28
C LYS A 640 18.24 -2.62 13.05
N LYS A 641 18.15 -2.61 14.39
CA LYS A 641 19.26 -2.91 15.30
C LYS A 641 19.55 -4.41 15.48
N TYR A 642 18.53 -5.24 15.36
CA TYR A 642 18.64 -6.64 15.77
C TYR A 642 18.36 -7.54 14.60
N ASP A 643 19.06 -8.68 14.59
CA ASP A 643 18.88 -9.70 13.57
C ASP A 643 17.70 -10.60 13.94
N TYR A 644 17.57 -11.72 13.23
CA TYR A 644 16.43 -12.56 13.43
C TYR A 644 16.58 -13.35 14.72
N HIS A 645 17.80 -13.36 15.27
CA HIS A 645 18.08 -14.02 16.54
C HIS A 645 17.68 -13.14 17.71
N GLY A 646 17.51 -11.85 17.43
CA GLY A 646 17.37 -10.84 18.47
C GLY A 646 18.69 -10.21 18.87
N ASP A 647 19.78 -10.68 18.27
CA ASP A 647 21.12 -10.17 18.54
C ASP A 647 21.45 -8.91 17.75
N ARG A 648 22.42 -8.15 18.24
CA ARG A 648 22.81 -6.85 17.66
C ARG A 648 23.60 -7.06 16.36
N VAL A 649 23.19 -6.38 15.29
CA VAL A 649 23.83 -6.55 13.99
C VAL A 649 25.18 -5.81 13.93
N THR A 650 25.99 -6.19 12.95
CA THR A 650 27.34 -5.66 12.82
C THR A 650 27.77 -5.60 11.35
N GLY A 651 28.90 -4.91 11.12
CA GLY A 651 29.41 -4.61 9.77
C GLY A 651 28.43 -3.81 8.94
N SER A 652 28.34 -4.17 7.67
CA SER A 652 27.51 -3.43 6.71
C SER A 652 26.01 -3.47 7.02
N ALA A 653 25.61 -4.39 7.89
CA ALA A 653 24.23 -4.37 8.42
C ALA A 653 23.86 -3.03 9.07
N ASN A 654 24.85 -2.30 9.58
CA ASN A 654 24.56 -1.04 10.25
C ASN A 654 24.36 0.14 9.32
N ASP A 655 24.75 -0.03 8.06
CA ASP A 655 24.88 1.07 7.12
C ASP A 655 23.59 1.89 7.02
N GLN A 656 23.75 3.21 7.01
CA GLN A 656 22.64 4.14 6.86
C GLN A 656 22.63 4.76 5.47
N LEU A 657 21.47 5.22 5.05
CA LEU A 657 21.37 6.04 3.84
C LEU A 657 21.34 7.50 4.22
N SER A 658 22.24 8.25 3.58
CA SER A 658 22.41 9.66 3.87
C SER A 658 21.24 10.39 3.26
N PRO A 659 20.91 11.59 3.76
CA PRO A 659 19.87 12.40 3.12
C PRO A 659 20.22 12.65 1.67
N TYR A 660 19.21 12.77 0.84
CA TYR A 660 19.43 13.09 -0.55
C TYR A 660 18.19 13.67 -1.16
N ALA A 661 18.36 14.35 -2.28
CA ALA A 661 17.23 14.99 -2.92
C ALA A 661 17.04 14.55 -4.38
N ILE A 662 15.79 14.63 -4.84
CA ILE A 662 15.46 14.37 -6.23
C ILE A 662 14.69 15.53 -6.80
N ALA A 663 15.24 16.18 -7.82
CA ALA A 663 14.62 17.34 -8.41
C ALA A 663 14.11 17.01 -9.80
N GLY A 664 13.11 17.76 -10.26
CA GLY A 664 12.56 17.59 -11.61
C GLY A 664 11.96 18.86 -12.20
N LEU A 665 12.02 18.95 -13.53
CA LEU A 665 11.30 19.97 -14.27
C LEU A 665 10.39 19.27 -15.21
N GLY A 666 9.22 19.86 -15.46
CA GLY A 666 8.31 19.40 -16.51
C GLY A 666 7.46 20.54 -17.01
N GLY A 667 6.62 20.25 -17.99
CA GLY A 667 5.69 21.24 -18.51
C GLY A 667 4.53 20.53 -19.16
N THR A 668 3.41 21.26 -19.31
CA THR A 668 2.34 20.87 -20.24
C THR A 668 1.95 22.03 -21.19
N TYR A 669 2.10 21.78 -22.50
CA TYR A 669 1.79 22.76 -23.53
C TYR A 669 0.49 22.40 -24.24
N ARG A 670 -0.53 23.19 -23.96
CA ARG A 670 -1.86 22.98 -24.53
C ARG A 670 -1.98 23.52 -25.97
N LEU A 671 -2.10 22.59 -26.93
CA LEU A 671 -2.15 22.94 -28.35
C LEU A 671 -3.56 23.26 -28.85
N SER A 672 -4.57 22.76 -28.14
CA SER A 672 -5.97 23.15 -28.38
C SER A 672 -6.81 22.72 -27.17
N LYS A 673 -8.10 22.99 -27.20
CA LYS A 673 -8.98 22.38 -26.20
C LYS A 673 -8.96 20.85 -26.25
N ASN A 674 -8.51 20.28 -27.36
CA ASN A 674 -8.62 18.84 -27.58
C ASN A 674 -7.29 18.12 -27.51
N LEU A 675 -6.19 18.85 -27.38
CA LEU A 675 -4.86 18.24 -27.49
C LEU A 675 -3.82 18.95 -26.64
N SER A 676 -3.23 18.20 -25.71
CA SER A 676 -2.13 18.70 -24.87
C SER A 676 -0.90 17.82 -25.00
N LEU A 677 0.27 18.42 -24.80
CA LEU A 677 1.52 17.70 -24.74
C LEU A 677 2.15 17.94 -23.39
N GLY A 678 2.82 16.94 -22.83
CA GLY A 678 3.72 17.08 -21.71
C GLY A 678 5.15 16.66 -22.03
N ALA A 679 6.11 17.20 -21.28
CA ALA A 679 7.46 16.67 -21.27
C ALA A 679 8.18 17.13 -20.02
N GLY A 680 9.17 16.34 -19.59
CA GLY A 680 9.96 16.72 -18.42
C GLY A 680 11.16 15.85 -18.18
N VAL A 681 11.77 16.10 -17.02
CA VAL A 681 12.87 15.28 -16.49
C VAL A 681 12.57 15.03 -15.01
N ASP A 682 12.58 13.76 -14.64
CA ASP A 682 12.62 13.36 -13.25
C ASP A 682 14.02 13.03 -12.78
N ASN A 683 14.36 13.36 -11.54
CA ASN A 683 15.76 13.21 -11.07
C ASN A 683 16.77 13.85 -12.05
N LEU A 684 16.66 15.17 -12.13
CA LEU A 684 17.46 16.03 -13.00
C LEU A 684 18.96 15.96 -12.76
N PHE A 685 19.38 15.85 -11.50
CA PHE A 685 20.81 15.75 -11.16
C PHE A 685 21.30 14.30 -10.97
N ASP A 686 20.53 13.33 -11.46
CA ASP A 686 20.97 11.93 -11.51
C ASP A 686 21.41 11.38 -10.16
N LYS A 687 20.76 11.77 -9.09
CA LYS A 687 21.03 11.09 -7.81
C LYS A 687 20.50 9.66 -7.86
N ARG A 688 21.37 8.67 -7.70
CA ARG A 688 20.99 7.26 -7.81
C ARG A 688 21.31 6.46 -6.57
N LEU A 689 20.50 5.46 -6.28
CA LEU A 689 20.78 4.52 -5.22
C LEU A 689 20.51 3.13 -5.73
N PHE A 690 21.09 2.15 -5.05
CA PHE A 690 21.22 0.78 -5.53
C PHE A 690 20.96 -0.19 -4.39
N ARG A 691 20.20 -1.24 -4.66
CA ARG A 691 19.84 -2.21 -3.62
C ARG A 691 21.08 -3.06 -3.42
N ALA A 692 21.60 -3.12 -2.19
CA ALA A 692 22.80 -3.92 -1.89
C ALA A 692 22.44 -5.32 -1.36
N GLY A 693 21.17 -5.52 -1.04
CA GLY A 693 20.75 -6.67 -0.28
C GLY A 693 19.72 -6.34 0.76
N ASN A 694 19.48 -7.33 1.61
CA ASN A 694 18.60 -7.17 2.77
C ASN A 694 19.39 -6.52 3.87
N ALA A 695 18.67 -6.13 4.89
CA ALA A 695 19.23 -5.42 6.02
C ALA A 695 20.39 -6.15 6.70
N GLN A 696 20.12 -7.37 7.16
CA GLN A 696 21.04 -8.10 8.00
C GLN A 696 21.92 -9.07 7.22
N GLY A 697 22.95 -9.58 7.90
CA GLY A 697 23.84 -10.57 7.34
C GLY A 697 23.43 -11.97 7.70
N VAL A 698 23.49 -12.88 6.73
CA VAL A 698 23.50 -14.32 6.97
C VAL A 698 24.83 -14.93 6.48
N VAL A 699 25.01 -16.23 6.69
CA VAL A 699 26.19 -16.95 6.18
C VAL A 699 26.41 -16.74 4.67
N GLY A 700 27.54 -16.14 4.29
CA GLY A 700 27.83 -15.83 2.90
C GLY A 700 27.21 -14.57 2.34
N ILE A 701 26.22 -13.97 3.02
CA ILE A 701 25.57 -12.74 2.54
C ILE A 701 25.58 -11.65 3.59
N ASP A 702 26.58 -10.77 3.50
CA ASP A 702 26.63 -9.57 4.33
C ASP A 702 25.34 -8.75 4.18
N GLY A 703 24.90 -8.16 5.27
CA GLY A 703 23.76 -7.26 5.21
C GLY A 703 24.06 -5.99 4.42
N ALA A 704 22.97 -5.27 4.14
CA ALA A 704 23.02 -4.03 3.36
C ALA A 704 22.41 -2.84 4.12
N GLY A 705 21.96 -3.06 5.35
CA GLY A 705 21.31 -2.05 6.18
C GLY A 705 20.12 -1.38 5.54
N ALA A 706 20.17 -0.06 5.46
CA ALA A 706 19.07 0.65 4.84
C ALA A 706 19.13 0.71 3.32
N ALA A 707 20.15 0.11 2.70
CA ALA A 707 20.29 0.21 1.26
C ALA A 707 19.57 -0.95 0.58
N THR A 708 18.24 -0.88 0.60
CA THR A 708 17.40 -2.03 0.26
C THR A 708 16.61 -1.85 -1.05
N TYR A 709 16.73 -0.69 -1.66
CA TYR A 709 15.95 -0.36 -2.85
C TYR A 709 16.81 0.38 -3.87
N ASN A 710 16.34 0.38 -5.12
CA ASN A 710 16.94 1.13 -6.19
C ASN A 710 16.20 2.45 -6.41
N GLU A 711 16.93 3.55 -6.37
CA GLU A 711 16.39 4.86 -6.72
C GLU A 711 16.83 5.12 -8.15
N PRO A 712 15.85 5.34 -9.06
CA PRO A 712 16.12 5.45 -10.49
C PRO A 712 16.70 6.80 -10.84
N GLY A 713 17.55 6.84 -11.87
CA GLY A 713 18.35 8.00 -12.21
C GLY A 713 17.59 8.98 -13.10
N ARG A 714 18.35 9.91 -13.68
CA ARG A 714 17.75 10.87 -14.62
C ARG A 714 16.97 10.12 -15.70
N THR A 715 15.77 10.64 -15.98
CA THR A 715 14.73 9.97 -16.74
C THR A 715 13.89 11.02 -17.45
N PHE A 716 13.98 11.09 -18.79
CA PHE A 716 13.18 12.05 -19.55
C PHE A 716 11.84 11.38 -19.80
N TYR A 717 10.79 12.17 -20.00
CA TYR A 717 9.48 11.59 -20.28
C TYR A 717 8.75 12.53 -21.21
N THR A 718 7.82 11.96 -21.98
CA THR A 718 6.87 12.76 -22.78
C THR A 718 5.47 12.22 -22.65
N SER A 719 4.49 13.00 -23.05
CA SER A 719 3.11 12.58 -22.87
C SER A 719 2.23 13.37 -23.81
N LEU A 720 1.06 12.81 -24.06
CA LEU A 720 0.15 13.38 -25.04
C LEU A 720 -1.28 13.00 -24.64
N THR A 721 -2.16 13.99 -24.54
CA THR A 721 -3.56 13.75 -24.15
C THR A 721 -4.53 14.41 -25.11
N ALA A 722 -5.27 13.60 -25.86
CA ALA A 722 -6.33 14.11 -26.72
C ALA A 722 -7.71 13.75 -26.16
N SER A 723 -8.62 14.70 -26.17
CA SER A 723 -9.86 14.57 -25.46
C SER A 723 -10.93 15.44 -26.12
N PHE A 724 -12.14 14.88 -26.21
CA PHE A 724 -13.36 15.69 -26.22
C PHE A 724 -14.13 15.43 -24.92
FE FE B . 18.58 -21.51 7.02
OAI 8T2 C . 19.34 -19.57 6.28
CBN 8T2 C . 18.40 -18.58 6.47
CBK 8T2 C . 17.41 -18.81 7.43
OAF 8T2 C . 17.46 -19.99 8.12
CAO 8T2 C . 16.42 -17.86 7.67
CAL 8T2 C . 16.43 -16.69 6.91
CAR 8T2 C . 17.42 -16.47 5.95
CBQ 8T2 C . 18.44 -17.40 5.69
CBG 8T2 C . 19.39 -17.08 4.70
OAB 8T2 C . 19.41 -15.96 4.18
NBC 8T2 C . 20.21 -18.06 4.29
CAY 8T2 C . 21.20 -17.90 3.21
CAV 8T2 C . 20.81 -18.74 1.96
CAW 8T2 C . 20.89 -20.25 2.24
CB 8T2 C . 19.95 -21.01 1.29
CA 8T2 C . 20.07 -22.56 1.46
N 8T2 C . 19.42 -23.00 2.71
CBH 8T2 C . 18.63 -24.10 2.71
OAC 8T2 C . 18.62 -24.89 1.76
CBR 8T2 C . 17.90 -24.39 3.87
CAS 8T2 C . 17.04 -25.51 3.83
CAM 8T2 C . 16.28 -25.84 4.97
CAP 8T2 C . 16.35 -25.08 6.13
CBL 8T2 C . 17.20 -23.97 6.18
OAG 8T2 C . 17.30 -23.17 7.28
CBO 8T2 C . 17.97 -23.64 5.06
OAJ 8T2 C . 18.71 -22.51 5.11
C 8T2 C . 21.57 -22.95 1.28
O 8T2 C . 22.21 -22.34 0.43
NBD 8T2 C . 22.19 -23.85 2.09
CAZ 8T2 C . 21.58 -24.84 2.99
CAU 8T2 C . 22.64 -25.89 3.35
CAT 8T2 C . 23.18 -25.61 4.75
CAX 8T2 C . 22.15 -26.11 5.78
NBB 8T2 C . 21.75 -25.07 6.72
CBF 8T2 C . 22.60 -24.61 7.66
OAA 8T2 C . 23.77 -24.94 7.70
CBP 8T2 C . 22.07 -23.76 8.64
CAQ 8T2 C . 22.59 -23.82 9.95
CAK 8T2 C . 22.11 -22.98 10.96
CAN 8T2 C . 21.06 -22.10 10.69
CBJ 8T2 C . 20.50 -22.05 9.40
OAE 8T2 C . 19.46 -21.22 9.06
CBM 8T2 C . 21.02 -22.86 8.40
OAH 8T2 C . 20.46 -22.78 7.14
#